data_8GKS
#
_entry.id   8GKS
#
_cell.length_a   157.927
_cell.length_b   157.927
_cell.length_c   206.670
_cell.angle_alpha   90.00
_cell.angle_beta   90.00
_cell.angle_gamma   120.00
#
_symmetry.space_group_name_H-M   'P 65 2 2'
#
loop_
_entity.id
_entity.type
_entity.pdbx_description
1 polymer 'Serine hydroxymethyltransferase, mitochondrial'
2 non-polymer GLYCINE
3 non-polymer 'N-{4-[3-(2-amino-4-oxo-3,4-dihydro-5H-pyrrolo[3,2-d]pyrimidin-5-yl)propyl]benzoyl}-L-glutamic acid'
4 non-polymer "PYRIDOXAL-5'-PHOSPHATE"
5 water water
#
_entity_poly.entity_id   1
_entity_poly.type   'polypeptide(L)'
_entity_poly.pdbx_seq_one_letter_code
;MGSSHHHHHHSSGLVPRSNAAQTQTGEANRGWTGQESLSDSDPEMWELLQREKDRQCRGLELIASENFCSRAALEALGSC
LNNKYSEGYPGKRYYGGAEVVDEIELLCQRRALEAFDLDPAQWGVNVQPYSGSPANLAVYTALLQPHDRIMGLDLPDGGH
LTHGYMSDVKRISATSIFFESMPYKLNPKTGLIDYNQLALTARLFRPRLIIAGTSAYARLIDYARMREVCDEVKAHLLAD
MAHISGLVAAKVIPSPFKHADIVTTTTHKTLRGARSGLIFYRKGVKAVDPKTGREIPYTFEDRINFAVFPSLQGGPHNHA
IAAVAVALKQACTPMFREYSLQVLKNARAMADALLERGYSLVSGGTDNHLVLVDLRPKGLDGARAERVLELVSITANKNT
CPGDRSAITPGGLRLGAPALTSRQFREDDFRRVVDFIDEGVNIGLEVKSKTAKLQDFKSFLLKDSETSQRLANLRQRVEQ
FARAFPMPGFDEH
;
_entity_poly.pdbx_strand_id   A,B
#
# COMPACT_ATOMS: atom_id res chain seq x y z
N TRP A 32 -21.15 21.23 -6.49
CA TRP A 32 -20.45 20.11 -5.86
C TRP A 32 -19.27 20.61 -5.03
N THR A 33 -19.32 20.38 -3.72
CA THR A 33 -18.31 20.85 -2.80
C THR A 33 -17.44 19.74 -2.24
N GLY A 34 -17.83 18.48 -2.38
CA GLY A 34 -17.04 17.38 -1.86
C GLY A 34 -17.07 17.21 -0.37
N GLN A 35 -17.93 17.95 0.34
CA GLN A 35 -18.02 17.88 1.79
C GLN A 35 -19.29 17.22 2.28
N GLU A 36 -20.06 16.59 1.38
CA GLU A 36 -21.28 15.91 1.78
C GLU A 36 -20.98 14.48 2.21
N SER A 37 -21.71 14.00 3.20
CA SER A 37 -21.42 12.72 3.82
C SER A 37 -21.64 11.57 2.83
N LEU A 38 -21.04 10.43 3.18
CA LEU A 38 -21.16 9.24 2.32
C LEU A 38 -22.57 8.69 2.29
N SER A 39 -23.33 8.87 3.38
CA SER A 39 -24.70 8.37 3.42
C SER A 39 -25.55 8.99 2.32
N ASP A 40 -25.37 10.27 2.06
CA ASP A 40 -26.12 10.96 1.02
C ASP A 40 -25.45 10.87 -0.34
N SER A 41 -24.12 10.73 -0.38
CA SER A 41 -23.41 10.71 -1.66
C SER A 41 -23.50 9.33 -2.32
N ASP A 42 -23.19 8.28 -1.57
CA ASP A 42 -23.17 6.91 -2.10
C ASP A 42 -23.94 6.00 -1.15
N PRO A 43 -25.26 5.92 -1.29
CA PRO A 43 -26.03 5.02 -0.41
C PRO A 43 -25.71 3.56 -0.66
N GLU A 44 -25.29 3.19 -1.88
CA GLU A 44 -24.96 1.80 -2.15
C GLU A 44 -23.74 1.35 -1.35
N MET A 45 -22.75 2.24 -1.21
CA MET A 45 -21.53 1.88 -0.48
C MET A 45 -21.71 2.07 1.03
N TRP A 46 -22.43 3.11 1.44
CA TRP A 46 -22.67 3.34 2.86
C TRP A 46 -23.46 2.19 3.48
N GLU A 47 -24.35 1.56 2.70
CA GLU A 47 -25.04 0.37 3.17
C GLU A 47 -24.05 -0.80 3.33
N LEU A 48 -23.20 -1.00 2.34
CA LEU A 48 -22.18 -2.04 2.43
C LEU A 48 -21.24 -1.81 3.61
N LEU A 49 -21.00 -0.53 3.93
CA LEU A 49 -20.20 -0.21 5.11
C LEU A 49 -20.87 -0.71 6.39
N GLN A 50 -22.17 -0.43 6.53
CA GLN A 50 -22.88 -0.86 7.72
C GLN A 50 -23.10 -2.37 7.75
N ARG A 51 -23.21 -3.00 6.57
CA ARG A 51 -23.34 -4.45 6.53
C ARG A 51 -22.06 -5.14 6.96
N GLU A 52 -20.91 -4.55 6.65
CA GLU A 52 -19.65 -5.11 7.11
C GLU A 52 -19.44 -4.86 8.60
N LYS A 53 -19.81 -3.67 9.07
CA LYS A 53 -19.70 -3.36 10.49
C LYS A 53 -20.55 -4.32 11.32
N ASP A 54 -21.72 -4.70 10.81
CA ASP A 54 -22.55 -5.66 11.51
C ASP A 54 -21.91 -7.04 11.55
N ARG A 55 -21.24 -7.43 10.45
CA ARG A 55 -20.57 -8.72 10.42
C ARG A 55 -19.47 -8.80 11.47
N GLN A 56 -18.73 -7.70 11.66
CA GLN A 56 -17.68 -7.69 12.67
C GLN A 56 -18.27 -7.66 14.09
N CYS A 57 -19.40 -6.99 14.28
CA CYS A 57 -20.00 -6.92 15.60
C CYS A 57 -20.71 -8.20 15.99
N ARG A 58 -21.31 -8.91 15.03
CA ARG A 58 -22.08 -10.12 15.33
C ARG A 58 -21.25 -11.39 15.27
N GLY A 59 -20.09 -11.35 14.63
CA GLY A 59 -19.27 -12.54 14.47
C GLY A 59 -18.19 -12.67 15.53
N LEU A 60 -17.72 -13.90 15.69
CA LEU A 60 -16.59 -14.20 16.57
C LEU A 60 -15.35 -14.28 15.70
N GLU A 61 -14.64 -13.15 15.57
CA GLU A 61 -13.49 -13.04 14.69
C GLU A 61 -12.31 -13.77 15.32
N LEU A 62 -12.07 -15.01 14.90
CA LEU A 62 -11.06 -15.86 15.50
C LEU A 62 -9.79 -15.97 14.66
N ILE A 63 -9.66 -15.17 13.61
CA ILE A 63 -8.47 -15.23 12.76
C ILE A 63 -7.32 -14.53 13.47
N ALA A 64 -6.23 -15.26 13.67
CA ALA A 64 -5.13 -14.80 14.52
C ALA A 64 -4.49 -13.51 14.02
N SER A 65 -4.66 -13.19 12.74
CA SER A 65 -4.05 -12.00 12.18
C SER A 65 -4.97 -10.78 12.21
N GLU A 66 -6.23 -10.95 12.59
CA GLU A 66 -7.20 -9.87 12.50
C GLU A 66 -7.35 -9.17 13.86
N ASN A 67 -7.55 -7.86 13.79
CA ASN A 67 -7.82 -7.03 14.96
C ASN A 67 -8.79 -5.94 14.57
N PHE A 68 -9.32 -5.24 15.57
CA PHE A 68 -10.29 -4.18 15.37
C PHE A 68 -9.64 -2.84 15.69
N CYS A 69 -9.40 -2.04 14.66
CA CYS A 69 -8.69 -0.78 14.83
C CYS A 69 -9.53 0.22 15.60
N SER A 70 -8.85 1.06 16.39
CA SER A 70 -9.53 2.06 17.19
C SER A 70 -10.06 3.19 16.31
N ARG A 71 -10.98 3.96 16.87
CA ARG A 71 -11.55 5.09 16.13
C ARG A 71 -10.55 6.22 15.95
N ALA A 72 -9.67 6.41 16.93
CA ALA A 72 -8.69 7.50 16.83
C ALA A 72 -7.77 7.31 15.63
N ALA A 73 -7.32 6.09 15.39
CA ALA A 73 -6.48 5.83 14.23
C ALA A 73 -7.28 5.91 12.94
N LEU A 74 -8.51 5.39 12.94
CA LEU A 74 -9.33 5.44 11.73
C LEU A 74 -9.69 6.86 11.34
N GLU A 75 -9.82 7.77 12.33
CA GLU A 75 -10.02 9.17 12.01
C GLU A 75 -8.83 9.75 11.25
N ALA A 76 -7.63 9.29 11.57
CA ALA A 76 -6.44 9.75 10.84
C ALA A 76 -6.26 9.00 9.53
N LEU A 77 -6.78 7.77 9.42
CA LEU A 77 -6.64 7.02 8.19
C LEU A 77 -7.48 7.61 7.08
N GLY A 78 -8.70 8.06 7.39
CA GLY A 78 -9.55 8.70 6.41
C GLY A 78 -9.59 10.20 6.58
N SER A 79 -8.46 10.87 6.33
CA SER A 79 -8.36 12.30 6.57
C SER A 79 -7.75 13.03 5.38
N CYS A 80 -7.41 14.31 5.57
CA CYS A 80 -6.87 15.12 4.50
C CYS A 80 -5.45 14.74 4.12
N LEU A 81 -4.75 13.97 4.97
CA LEU A 81 -3.38 13.59 4.68
C LEU A 81 -3.26 12.75 3.42
N ASN A 82 -4.37 12.21 2.93
CA ASN A 82 -4.37 11.53 1.64
C ASN A 82 -3.91 12.45 0.51
N ASN A 83 -4.19 13.75 0.64
CA ASN A 83 -4.00 14.72 -0.43
C ASN A 83 -2.57 15.25 -0.53
N LYS A 84 -1.60 14.65 0.16
CA LYS A 84 -0.24 15.16 0.16
C LYS A 84 0.72 14.13 -0.44
N TYR A 85 1.37 14.52 -1.53
CA TYR A 85 2.45 13.73 -2.12
C TYR A 85 3.74 14.10 -1.40
N SER A 86 4.11 13.32 -0.41
CA SER A 86 5.34 13.59 0.35
C SER A 86 6.47 12.66 -0.10
N GLU A 87 6.71 12.60 -1.40
CA GLU A 87 7.78 11.77 -1.93
C GLU A 87 9.13 12.26 -1.41
N GLY A 88 9.91 11.31 -0.87
CA GLY A 88 11.16 11.63 -0.20
C GLY A 88 11.13 11.20 1.25
N TYR A 89 11.81 11.98 2.08
CA TYR A 89 11.90 11.71 3.51
C TYR A 89 11.96 13.04 4.24
N PRO A 90 11.63 13.07 5.55
CA PRO A 90 11.69 14.34 6.31
C PRO A 90 13.03 15.03 6.18
N GLY A 91 13.01 16.23 5.59
CA GLY A 91 14.23 16.96 5.30
C GLY A 91 14.86 16.64 3.96
N LYS A 92 14.39 15.59 3.29
CA LYS A 92 14.88 15.18 1.97
C LYS A 92 13.69 14.93 1.05
N ARG A 93 12.80 15.92 0.96
CA ARG A 93 11.62 15.82 0.11
C ARG A 93 11.92 16.33 -1.28
N TYR A 94 11.37 15.65 -2.29
N TYR A 94 11.39 15.62 -2.28
CA TYR A 94 11.53 16.09 -3.66
CA TYR A 94 11.50 16.05 -3.66
C TYR A 94 10.45 17.06 -4.10
C TYR A 94 10.65 17.29 -3.93
N TYR A 95 9.55 17.44 -3.19
CA TYR A 95 8.60 18.51 -3.42
C TYR A 95 8.81 19.61 -2.38
N GLY A 96 7.77 20.42 -2.16
CA GLY A 96 7.75 21.35 -1.05
C GLY A 96 6.45 21.20 -0.28
N GLY A 97 6.17 22.13 0.62
CA GLY A 97 4.94 22.06 1.39
C GLY A 97 4.80 20.87 2.31
N ALA A 98 5.84 20.04 2.46
CA ALA A 98 5.85 18.93 3.40
C ALA A 98 6.15 19.36 4.83
N GLU A 99 5.77 20.58 5.21
CA GLU A 99 6.12 21.08 6.53
C GLU A 99 5.43 20.28 7.64
N VAL A 100 4.15 19.98 7.47
CA VAL A 100 3.41 19.31 8.54
C VAL A 100 3.61 17.80 8.48
N VAL A 101 3.61 17.22 7.28
CA VAL A 101 3.78 15.77 7.17
C VAL A 101 5.17 15.33 7.61
N ASP A 102 6.16 16.22 7.58
CA ASP A 102 7.46 15.91 8.14
C ASP A 102 7.36 15.71 9.66
N GLU A 103 6.67 16.63 10.34
CA GLU A 103 6.44 16.47 11.76
C GLU A 103 5.62 15.22 12.06
N ILE A 104 4.70 14.87 11.17
CA ILE A 104 3.89 13.66 11.37
C ILE A 104 4.73 12.42 11.15
N GLU A 105 5.50 12.40 10.06
CA GLU A 105 6.35 11.23 9.79
C GLU A 105 7.45 11.08 10.83
N LEU A 106 7.96 12.19 11.37
CA LEU A 106 8.99 12.10 12.40
C LEU A 106 8.40 11.65 13.72
N LEU A 107 7.21 12.13 14.08
CA LEU A 107 6.56 11.70 15.32
C LEU A 107 6.26 10.21 15.28
N CYS A 108 5.85 9.70 14.12
CA CYS A 108 5.60 8.26 13.99
C CYS A 108 6.87 7.47 14.21
N GLN A 109 8.00 7.96 13.72
CA GLN A 109 9.27 7.28 13.94
C GLN A 109 9.65 7.29 15.41
N ARG A 110 9.48 8.44 16.09
CA ARG A 110 9.79 8.51 17.51
C ARG A 110 8.85 7.61 18.31
N ARG A 111 7.57 7.60 17.96
CA ARG A 111 6.62 6.73 18.66
C ARG A 111 6.86 5.27 18.33
N ALA A 112 7.40 4.97 17.14
CA ALA A 112 7.74 3.59 16.81
C ALA A 112 8.90 3.10 17.67
N LEU A 113 9.96 3.90 17.77
CA LEU A 113 11.11 3.50 18.58
C LEU A 113 10.79 3.54 20.06
N GLU A 114 9.87 4.42 20.48
CA GLU A 114 9.50 4.49 21.89
C GLU A 114 8.65 3.29 22.29
N ALA A 115 7.79 2.82 21.38
CA ALA A 115 6.90 1.72 21.71
C ALA A 115 7.67 0.42 21.93
N PHE A 116 8.84 0.27 21.32
CA PHE A 116 9.62 -0.94 21.43
C PHE A 116 10.89 -0.75 22.26
N ASP A 117 10.95 0.33 23.03
CA ASP A 117 12.05 0.58 23.97
C ASP A 117 13.41 0.59 23.25
N LEU A 118 13.43 1.11 22.02
CA LEU A 118 14.63 1.12 21.21
C LEU A 118 15.39 2.43 21.40
N ASP A 119 16.70 2.32 21.44
CA ASP A 119 17.56 3.51 21.55
C ASP A 119 17.71 4.16 20.17
N PRO A 120 17.43 5.46 20.04
CA PRO A 120 17.50 6.09 18.71
C PRO A 120 18.89 6.05 18.10
N ALA A 121 19.94 5.97 18.91
CA ALA A 121 21.30 5.86 18.37
C ALA A 121 21.61 4.46 17.87
N GLN A 122 20.81 3.46 18.26
CA GLN A 122 20.99 2.09 17.81
C GLN A 122 19.95 1.64 16.80
N TRP A 123 18.86 2.38 16.63
CA TRP A 123 17.74 1.92 15.82
C TRP A 123 17.12 3.09 15.08
N GLY A 124 17.01 2.96 13.75
CA GLY A 124 16.15 3.80 12.95
C GLY A 124 14.98 2.98 12.44
N VAL A 125 13.99 3.67 11.87
CA VAL A 125 12.77 3.01 11.42
C VAL A 125 12.21 3.74 10.22
N ASN A 126 11.76 2.97 9.24
CA ASN A 126 11.05 3.49 8.08
C ASN A 126 9.56 3.22 8.25
N VAL A 127 8.74 4.26 8.04
CA VAL A 127 7.30 4.17 8.29
C VAL A 127 6.49 4.25 7.00
N GLN A 128 7.15 4.15 5.85
CA GLN A 128 6.47 4.26 4.56
C GLN A 128 6.07 2.94 3.87
N PRO A 129 6.46 1.75 4.36
CA PRO A 129 5.95 0.53 3.71
C PRO A 129 4.43 0.51 3.68
N TYR A 130 3.87 0.32 2.48
CA TYR A 130 2.43 0.35 2.29
C TYR A 130 1.73 -0.72 3.11
N SER A 131 2.37 -1.88 3.25
CA SER A 131 1.84 -2.97 4.06
C SER A 131 3.00 -3.86 4.49
N GLY A 132 2.68 -4.99 5.12
CA GLY A 132 3.74 -5.87 5.60
C GLY A 132 4.47 -6.58 4.48
N SER A 133 3.75 -6.96 3.43
CA SER A 133 4.42 -7.63 2.31
C SER A 133 5.36 -6.68 1.56
N PRO A 134 4.98 -5.45 1.21
CA PRO A 134 5.97 -4.54 0.62
C PRO A 134 7.11 -4.19 1.56
N ALA A 135 6.90 -4.35 2.87
CA ALA A 135 7.98 -4.09 3.82
C ALA A 135 9.09 -5.13 3.70
N ASN A 136 8.70 -6.41 3.64
CA ASN A 136 9.71 -7.47 3.55
C ASN A 136 10.47 -7.41 2.24
N LEU A 137 9.77 -7.16 1.13
CA LEU A 137 10.46 -7.03 -0.15
C LEU A 137 11.40 -5.83 -0.17
N ALA A 138 11.10 -4.79 0.62
CA ALA A 138 12.00 -3.66 0.71
C ALA A 138 13.31 -4.05 1.36
N VAL A 139 13.26 -4.91 2.38
CA VAL A 139 14.49 -5.36 3.04
C VAL A 139 15.33 -6.21 2.10
N TYR A 140 14.68 -7.10 1.33
CA TYR A 140 15.41 -7.93 0.39
C TYR A 140 16.02 -7.08 -0.73
N THR A 141 15.23 -6.15 -1.28
CA THR A 141 15.75 -5.28 -2.33
C THR A 141 16.89 -4.41 -1.81
N ALA A 142 16.87 -4.06 -0.52
CA ALA A 142 17.87 -3.15 0.02
C ALA A 142 19.22 -3.83 0.16
N LEU A 143 19.25 -5.06 0.68
CA LEU A 143 20.48 -5.71 1.09
C LEU A 143 20.88 -6.87 0.20
N LEU A 144 20.06 -7.26 -0.77
CA LEU A 144 20.31 -8.43 -1.59
C LEU A 144 20.24 -8.07 -3.07
N GLN A 145 21.11 -8.68 -3.85
CA GLN A 145 21.03 -8.61 -5.29
C GLN A 145 19.94 -9.55 -5.80
N PRO A 146 19.47 -9.37 -7.04
CA PRO A 146 18.54 -10.34 -7.61
C PRO A 146 19.12 -11.75 -7.58
N HIS A 147 18.25 -12.72 -7.28
CA HIS A 147 18.57 -14.14 -7.16
C HIS A 147 19.46 -14.44 -5.95
N ASP A 148 19.63 -13.49 -5.04
CA ASP A 148 20.33 -13.80 -3.79
C ASP A 148 19.46 -14.71 -2.93
N ARG A 149 20.10 -15.35 -1.96
CA ARG A 149 19.49 -16.46 -1.24
C ARG A 149 18.95 -16.01 0.12
N ILE A 150 17.75 -16.50 0.45
CA ILE A 150 17.13 -16.29 1.74
C ILE A 150 16.58 -17.62 2.25
N MET A 151 16.26 -17.63 3.54
CA MET A 151 15.73 -18.81 4.22
C MET A 151 14.66 -18.37 5.21
N GLY A 152 13.41 -18.75 4.93
CA GLY A 152 12.31 -18.52 5.84
C GLY A 152 11.60 -19.82 6.15
N LEU A 153 10.82 -19.79 7.23
CA LEU A 153 10.00 -20.95 7.57
C LEU A 153 9.02 -21.25 6.44
N ASP A 154 8.87 -22.53 6.11
CA ASP A 154 7.99 -22.92 5.02
C ASP A 154 6.55 -22.51 5.32
N LEU A 155 5.80 -22.20 4.26
CA LEU A 155 4.43 -21.72 4.43
C LEU A 155 3.53 -22.72 5.14
N PRO A 156 3.47 -24.00 4.75
CA PRO A 156 2.68 -24.95 5.54
C PRO A 156 3.23 -25.18 6.93
N ASP A 157 4.49 -24.79 7.18
CA ASP A 157 5.10 -24.92 8.50
C ASP A 157 4.84 -23.71 9.39
N GLY A 158 4.35 -22.60 8.84
CA GLY A 158 4.04 -21.44 9.64
C GLY A 158 4.58 -20.13 9.10
N GLY A 159 5.53 -20.22 8.17
CA GLY A 159 6.07 -19.01 7.58
C GLY A 159 5.13 -18.37 6.58
N HIS A 160 5.39 -17.10 6.28
CA HIS A 160 4.56 -16.34 5.37
C HIS A 160 5.09 -16.46 3.94
N LEU A 161 4.25 -16.03 2.99
CA LEU A 161 4.66 -15.97 1.59
C LEU A 161 5.93 -15.15 1.42
N THR A 162 5.98 -13.96 2.02
CA THR A 162 7.09 -13.05 1.84
C THR A 162 8.41 -13.60 2.36
N HIS A 163 8.40 -14.76 3.03
CA HIS A 163 9.61 -15.43 3.45
C HIS A 163 10.17 -16.35 2.38
N GLY A 164 9.72 -16.19 1.13
CA GLY A 164 10.26 -16.96 0.02
C GLY A 164 9.59 -18.31 -0.17
N TYR A 165 8.26 -18.35 -0.10
CA TYR A 165 7.55 -19.61 -0.30
C TYR A 165 7.44 -19.92 -1.78
N MET A 166 7.87 -21.12 -2.16
CA MET A 166 7.68 -21.62 -3.51
C MET A 166 7.20 -23.07 -3.42
N SER A 167 6.34 -23.46 -4.35
CA SER A 167 5.80 -24.81 -4.37
C SER A 167 6.70 -25.71 -5.22
N ASP A 168 6.29 -26.97 -5.34
CA ASP A 168 7.03 -27.94 -6.16
C ASP A 168 6.67 -27.85 -7.64
N VAL A 169 5.97 -26.80 -8.06
CA VAL A 169 5.52 -26.67 -9.44
C VAL A 169 5.65 -25.22 -9.90
N LYS A 170 5.54 -24.27 -8.98
CA LYS A 170 5.48 -22.87 -9.35
C LYS A 170 6.09 -22.02 -8.23
N ARG A 171 6.82 -20.98 -8.63
CA ARG A 171 7.29 -19.95 -7.70
C ARG A 171 6.09 -19.09 -7.32
N ILE A 172 5.57 -19.32 -6.11
CA ILE A 172 4.35 -18.64 -5.66
C ILE A 172 4.64 -17.18 -5.35
N SER A 173 5.32 -16.92 -4.24
CA SER A 173 5.62 -15.55 -3.85
C SER A 173 6.69 -14.95 -4.76
N ALA A 174 6.56 -13.64 -5.01
CA ALA A 174 7.58 -12.94 -5.77
C ALA A 174 8.92 -12.93 -5.04
N THR A 175 8.92 -13.25 -3.75
CA THR A 175 10.16 -13.44 -3.01
C THR A 175 10.94 -14.65 -3.49
N SER A 176 10.26 -15.62 -4.10
CA SER A 176 10.92 -16.79 -4.68
C SER A 176 11.32 -16.57 -6.14
N ILE A 177 10.91 -15.45 -6.74
CA ILE A 177 11.22 -15.15 -8.13
C ILE A 177 12.45 -14.25 -8.18
N PHE A 178 12.37 -13.11 -7.52
CA PHE A 178 13.48 -12.16 -7.49
C PHE A 178 14.63 -12.63 -6.61
N PHE A 179 14.42 -13.66 -5.78
CA PHE A 179 15.45 -14.20 -4.92
C PHE A 179 15.26 -15.70 -4.81
N GLU A 180 16.37 -16.43 -4.73
CA GLU A 180 16.33 -17.88 -4.58
C GLU A 180 16.16 -18.22 -3.10
N SER A 181 15.00 -18.74 -2.74
CA SER A 181 14.69 -19.04 -1.35
C SER A 181 14.66 -20.56 -1.14
N MET A 182 15.16 -20.99 0.01
CA MET A 182 15.06 -22.37 0.45
C MET A 182 14.41 -22.34 1.81
N PRO A 183 13.33 -23.08 2.05
CA PRO A 183 12.67 -22.99 3.36
C PRO A 183 13.25 -23.97 4.37
N TYR A 184 13.18 -23.56 5.63
CA TYR A 184 13.44 -24.48 6.74
C TYR A 184 12.10 -24.87 7.37
N LYS A 185 12.04 -26.11 7.85
CA LYS A 185 10.80 -26.71 8.28
C LYS A 185 10.79 -26.92 9.79
N LEU A 186 9.61 -27.29 10.31
CA LEU A 186 9.46 -27.63 11.70
C LEU A 186 9.89 -29.09 11.94
N ASN A 187 10.01 -29.44 13.22
CA ASN A 187 10.18 -30.82 13.61
C ASN A 187 8.80 -31.38 13.93
N PRO A 188 8.22 -32.23 13.09
CA PRO A 188 6.83 -32.66 13.32
C PRO A 188 6.62 -33.44 14.60
N LYS A 189 7.67 -34.02 15.18
CA LYS A 189 7.52 -34.74 16.44
C LYS A 189 7.15 -33.79 17.58
N THR A 190 7.73 -32.58 17.57
CA THR A 190 7.48 -31.60 18.62
C THR A 190 6.63 -30.42 18.18
N GLY A 191 6.52 -30.18 16.87
CA GLY A 191 5.82 -29.01 16.38
C GLY A 191 6.62 -27.73 16.45
N LEU A 192 7.83 -27.77 16.98
CA LEU A 192 8.69 -26.60 17.08
C LEU A 192 9.54 -26.45 15.83
N ILE A 193 10.18 -25.28 15.70
CA ILE A 193 11.09 -25.05 14.60
C ILE A 193 12.31 -25.95 14.76
N ASP A 194 12.73 -26.56 13.65
CA ASP A 194 13.89 -27.46 13.65
C ASP A 194 15.15 -26.61 13.56
N TYR A 195 15.53 -26.03 14.70
CA TYR A 195 16.72 -25.19 14.76
C TYR A 195 17.99 -25.98 14.45
N ASN A 196 17.98 -27.29 14.65
CA ASN A 196 19.13 -28.10 14.28
C ASN A 196 19.24 -28.24 12.77
N GLN A 197 18.15 -28.66 12.12
CA GLN A 197 18.17 -28.79 10.67
C GLN A 197 18.36 -27.44 9.98
N LEU A 198 17.91 -26.36 10.62
CA LEU A 198 18.13 -25.03 10.05
C LEU A 198 19.61 -24.71 9.99
N ALA A 199 20.33 -24.91 11.11
CA ALA A 199 21.76 -24.65 11.12
C ALA A 199 22.51 -25.54 10.15
N LEU A 200 22.05 -26.78 9.96
CA LEU A 200 22.74 -27.70 9.07
C LEU A 200 22.54 -27.29 7.61
N THR A 201 21.31 -26.95 7.22
CA THR A 201 21.04 -26.59 5.84
C THR A 201 21.53 -25.18 5.52
N ALA A 202 21.63 -24.31 6.53
CA ALA A 202 22.16 -22.97 6.29
C ALA A 202 23.62 -23.00 5.90
N ARG A 203 24.38 -23.95 6.45
CA ARG A 203 25.78 -24.10 6.07
C ARG A 203 25.92 -24.56 4.63
N LEU A 204 24.99 -25.40 4.16
CA LEU A 204 25.06 -25.89 2.78
C LEU A 204 24.43 -24.91 1.80
N PHE A 205 23.28 -24.32 2.17
CA PHE A 205 22.61 -23.40 1.26
C PHE A 205 23.32 -22.05 1.18
N ARG A 206 23.99 -21.64 2.27
CA ARG A 206 24.70 -20.37 2.35
C ARG A 206 23.78 -19.20 2.04
N PRO A 207 22.75 -18.94 2.84
CA PRO A 207 21.88 -17.80 2.58
C PRO A 207 22.52 -16.50 3.07
N ARG A 208 22.14 -15.41 2.42
CA ARG A 208 22.59 -14.09 2.83
C ARG A 208 21.60 -13.37 3.74
N LEU A 209 20.42 -13.97 3.99
CA LEU A 209 19.43 -13.37 4.87
C LEU A 209 18.50 -14.49 5.34
N ILE A 210 18.27 -14.56 6.64
CA ILE A 210 17.41 -15.58 7.24
C ILE A 210 16.26 -14.88 7.94
N ILE A 211 15.04 -15.29 7.64
CA ILE A 211 13.84 -14.70 8.22
C ILE A 211 13.51 -15.41 9.51
N ALA A 212 13.32 -14.64 10.58
CA ALA A 212 12.92 -15.17 11.89
C ALA A 212 11.55 -14.57 12.21
N GLY A 213 10.52 -15.13 11.61
CA GLY A 213 9.16 -14.68 11.82
C GLY A 213 8.15 -15.67 11.30
N THR A 214 6.95 -15.68 11.86
CA THR A 214 5.95 -16.67 11.50
C THR A 214 4.59 -16.01 11.35
N SER A 215 3.68 -16.74 10.71
CA SER A 215 2.27 -16.39 10.61
C SER A 215 1.38 -17.34 11.39
N ALA A 216 1.70 -18.63 11.39
CA ALA A 216 0.97 -19.66 12.12
C ALA A 216 1.97 -20.43 12.96
N TYR A 217 2.24 -19.93 14.17
CA TYR A 217 3.17 -20.58 15.09
C TYR A 217 2.84 -20.12 16.50
N ALA A 218 2.53 -21.05 17.37
CA ALA A 218 2.03 -20.74 18.71
C ALA A 218 3.12 -20.65 19.75
N ARG A 219 4.39 -20.66 19.35
CA ARG A 219 5.50 -20.72 20.30
C ARG A 219 6.48 -19.57 20.04
N LEU A 220 7.41 -19.41 20.98
CA LEU A 220 8.38 -18.32 20.90
C LEU A 220 9.57 -18.72 20.03
N ILE A 221 9.99 -17.79 19.18
CA ILE A 221 11.12 -18.03 18.29
C ILE A 221 12.42 -17.77 19.06
N ASP A 222 13.35 -18.72 18.97
CA ASP A 222 14.64 -18.60 19.64
C ASP A 222 15.53 -17.69 18.80
N TYR A 223 15.41 -16.39 19.05
CA TYR A 223 16.17 -15.41 18.27
C TYR A 223 17.67 -15.52 18.52
N ALA A 224 18.06 -15.94 19.73
CA ALA A 224 19.48 -16.14 20.01
C ALA A 224 20.05 -17.25 19.14
N ARG A 225 19.29 -18.32 18.94
CA ARG A 225 19.75 -19.39 18.07
C ARG A 225 19.76 -18.95 16.61
N MET A 226 18.80 -18.11 16.21
CA MET A 226 18.79 -17.60 14.85
C MET A 226 20.02 -16.73 14.58
N ARG A 227 20.43 -15.94 15.57
CA ARG A 227 21.59 -15.08 15.39
C ARG A 227 22.88 -15.89 15.31
N GLU A 228 22.97 -16.97 16.09
CA GLU A 228 24.14 -17.84 16.01
C GLU A 228 24.29 -18.44 14.62
N VAL A 229 23.17 -18.87 14.02
CA VAL A 229 23.21 -19.38 12.66
C VAL A 229 23.60 -18.28 11.69
N CYS A 230 23.01 -17.09 11.84
CA CYS A 230 23.29 -16.00 10.91
C CYS A 230 24.71 -15.49 11.06
N ASP A 231 25.24 -15.48 12.29
CA ASP A 231 26.63 -15.06 12.49
C ASP A 231 27.61 -16.03 11.85
N GLU A 232 27.23 -17.31 11.74
CA GLU A 232 28.14 -18.31 11.19
C GLU A 232 28.17 -18.27 9.67
N VAL A 233 27.00 -18.18 9.03
CA VAL A 233 26.91 -18.22 7.58
C VAL A 233 26.97 -16.80 7.01
N LYS A 234 27.34 -15.84 7.85
CA LYS A 234 27.49 -14.44 7.45
C LYS A 234 26.22 -13.92 6.77
N ALA A 235 25.09 -14.11 7.45
CA ALA A 235 23.80 -13.71 6.95
C ALA A 235 23.15 -12.70 7.90
N HIS A 236 22.30 -11.85 7.34
CA HIS A 236 21.51 -10.94 8.15
C HIS A 236 20.37 -11.70 8.82
N LEU A 237 19.98 -11.22 9.99
CA LEU A 237 18.87 -11.81 10.75
C LEU A 237 17.68 -10.87 10.70
N LEU A 238 16.68 -11.21 9.89
CA LEU A 238 15.45 -10.44 9.78
C LEU A 238 14.39 -11.05 10.67
N ALA A 239 13.78 -10.22 11.51
CA ALA A 239 12.68 -10.65 12.39
C ALA A 239 11.39 -10.02 11.87
N ASP A 240 10.52 -10.85 11.32
CA ASP A 240 9.21 -10.40 10.82
C ASP A 240 8.18 -10.66 11.91
N MET A 241 8.09 -9.72 12.84
CA MET A 241 7.22 -9.84 14.02
C MET A 241 5.82 -9.29 13.78
N ALA A 242 5.24 -9.55 12.61
CA ALA A 242 3.93 -8.99 12.31
C ALA A 242 2.86 -9.51 13.26
N HIS A 243 2.86 -10.83 13.51
CA HIS A 243 1.82 -11.41 14.34
C HIS A 243 1.99 -11.11 15.82
N ILE A 244 3.18 -10.68 16.25
CA ILE A 244 3.49 -10.58 17.68
C ILE A 244 4.03 -9.20 18.04
N SER A 245 3.92 -8.24 17.12
CA SER A 245 4.50 -6.93 17.36
C SER A 245 3.89 -6.26 18.59
N GLY A 246 2.57 -6.35 18.74
CA GLY A 246 1.94 -5.77 19.91
C GLY A 246 2.42 -6.37 21.21
N LEU A 247 2.58 -7.69 21.24
CA LEU A 247 3.12 -8.35 22.42
C LEU A 247 4.55 -7.94 22.69
N VAL A 248 5.33 -7.68 21.62
CA VAL A 248 6.69 -7.21 21.81
C VAL A 248 6.71 -5.79 22.34
N ALA A 249 5.82 -4.94 21.83
CA ALA A 249 5.76 -3.55 22.28
C ALA A 249 5.35 -3.45 23.75
N ALA A 250 4.49 -4.36 24.21
CA ALA A 250 4.07 -4.37 25.61
C ALA A 250 5.07 -5.09 26.51
N LYS A 251 6.13 -5.66 25.95
CA LYS A 251 7.16 -6.37 26.72
C LYS A 251 6.54 -7.52 27.53
N VAL A 252 5.56 -8.20 26.94
CA VAL A 252 5.00 -9.40 27.53
C VAL A 252 5.63 -10.68 26.98
N ILE A 253 6.36 -10.58 25.87
CA ILE A 253 7.14 -11.69 25.33
C ILE A 253 8.53 -11.17 25.00
N PRO A 254 9.51 -12.06 24.85
CA PRO A 254 10.87 -11.61 24.51
C PRO A 254 10.89 -10.79 23.21
N SER A 255 11.66 -9.71 23.24
CA SER A 255 11.75 -8.80 22.10
C SER A 255 12.81 -9.29 21.11
N PRO A 256 12.50 -9.33 19.81
CA PRO A 256 13.50 -9.78 18.83
C PRO A 256 14.60 -8.76 18.58
N PHE A 257 14.44 -7.50 19.02
CA PHE A 257 15.45 -6.49 18.77
C PHE A 257 16.76 -6.80 19.49
N LYS A 258 16.74 -7.66 20.50
CA LYS A 258 17.97 -8.02 21.20
C LYS A 258 18.93 -8.81 20.31
N HIS A 259 18.44 -9.41 19.22
CA HIS A 259 19.29 -10.26 18.40
C HIS A 259 19.18 -9.92 16.91
N ALA A 260 18.05 -9.38 16.48
CA ALA A 260 17.82 -9.17 15.06
C ALA A 260 18.58 -7.95 14.56
N ASP A 261 18.97 -8.00 13.28
CA ASP A 261 19.57 -6.86 12.60
C ASP A 261 18.50 -5.94 12.01
N ILE A 262 17.56 -6.52 11.27
CA ILE A 262 16.42 -5.80 10.72
C ILE A 262 15.15 -6.43 11.26
N VAL A 263 14.17 -5.60 11.59
CA VAL A 263 12.91 -6.05 12.15
C VAL A 263 11.77 -5.43 11.36
N THR A 264 10.96 -6.29 10.73
CA THR A 264 9.78 -5.85 10.00
C THR A 264 8.53 -6.25 10.77
N THR A 265 7.44 -5.51 10.52
CA THR A 265 6.19 -5.76 11.20
C THR A 265 5.07 -5.05 10.47
N THR A 266 3.89 -5.67 10.47
CA THR A 266 2.69 -4.96 10.10
C THR A 266 2.28 -4.03 11.25
N THR A 267 1.47 -3.02 10.91
CA THR A 267 1.03 -2.05 11.91
C THR A 267 -0.35 -2.39 12.48
N HIS A 268 -1.03 -3.41 11.95
CA HIS A 268 -2.29 -3.86 12.52
C HIS A 268 -2.02 -5.06 13.43
N LYS A 269 -2.86 -6.08 13.32
CA LYS A 269 -2.70 -7.34 14.10
C LYS A 269 -2.61 -7.01 15.59
N THR A 270 -1.57 -7.49 16.27
CA THR A 270 -1.45 -7.28 17.71
C THR A 270 -1.19 -5.83 18.04
N LEU A 271 -0.68 -5.06 17.08
CA LEU A 271 -0.49 -3.63 17.27
C LEU A 271 -1.81 -2.87 17.19
N ARG A 272 -2.82 -3.44 16.54
CA ARG A 272 -4.16 -2.87 16.49
C ARG A 272 -4.15 -1.46 15.87
N GLY A 273 -3.57 -1.37 14.67
CA GLY A 273 -3.52 -0.11 13.97
C GLY A 273 -3.97 -0.21 12.53
N ALA A 274 -3.83 0.86 11.76
CA ALA A 274 -4.20 0.83 10.35
C ALA A 274 -3.24 -0.05 9.57
N ARG A 275 -3.75 -0.62 8.48
CA ARG A 275 -2.96 -1.49 7.63
C ARG A 275 -1.78 -0.74 7.02
N SER A 276 -0.57 -1.08 7.47
CA SER A 276 0.67 -0.48 6.98
C SER A 276 1.82 -1.36 7.47
N GLY A 277 3.04 -0.86 7.34
CA GLY A 277 4.21 -1.63 7.74
C GLY A 277 5.33 -0.73 8.19
N LEU A 278 6.24 -1.32 8.98
CA LEU A 278 7.41 -0.63 9.48
C LEU A 278 8.64 -1.47 9.21
N ILE A 279 9.80 -0.81 9.17
CA ILE A 279 11.09 -1.47 8.97
C ILE A 279 12.06 -0.90 10.00
N PHE A 280 12.36 -1.70 11.02
CA PHE A 280 13.35 -1.33 12.03
C PHE A 280 14.71 -1.88 11.63
N TYR A 281 15.72 -1.00 11.60
CA TYR A 281 17.06 -1.38 11.20
C TYR A 281 18.07 -0.90 12.23
N ARG A 282 19.15 -1.64 12.37
CA ARG A 282 20.22 -1.28 13.29
C ARG A 282 21.08 -0.18 12.68
N LYS A 283 21.27 0.89 13.44
CA LYS A 283 22.22 1.95 13.09
C LYS A 283 23.27 2.06 14.19
N GLY A 284 24.45 2.53 13.81
CA GLY A 284 25.56 2.58 14.74
C GLY A 284 26.78 1.89 14.18
N VAL A 285 27.46 1.11 15.02
CA VAL A 285 28.66 0.39 14.61
C VAL A 285 28.37 -1.11 14.63
N LYS A 286 28.72 -1.80 13.55
CA LYS A 286 28.50 -3.24 13.46
C LYS A 286 29.42 -3.98 14.42
N ALA A 287 30.73 -3.78 14.26
CA ALA A 287 31.73 -4.43 15.12
C ALA A 287 33.04 -3.67 14.98
N VAL A 288 34.04 -4.11 15.72
CA VAL A 288 35.38 -3.52 15.69
C VAL A 288 36.27 -4.39 14.80
N ASP A 289 37.16 -3.75 14.05
CA ASP A 289 38.05 -4.47 13.15
C ASP A 289 38.96 -5.40 13.95
N PRO A 290 39.08 -6.65 13.49
CA PRO A 290 39.85 -7.65 14.22
C PRO A 290 41.34 -7.31 14.20
N LYS A 291 41.93 -7.27 13.01
CA LYS A 291 43.36 -7.01 12.88
C LYS A 291 43.70 -5.52 12.80
N THR A 292 42.71 -4.65 12.68
CA THR A 292 42.95 -3.21 12.57
C THR A 292 42.50 -2.41 13.77
N GLY A 293 41.50 -2.90 14.53
CA GLY A 293 41.01 -2.17 15.68
C GLY A 293 40.33 -0.87 15.28
N ARG A 294 39.17 -0.99 14.64
CA ARG A 294 38.48 0.15 14.06
C ARG A 294 36.98 -0.14 14.02
N GLU A 295 36.19 0.88 14.32
CA GLU A 295 34.74 0.72 14.41
C GLU A 295 34.13 0.64 13.01
N ILE A 296 33.51 -0.51 12.70
CA ILE A 296 32.92 -0.75 11.39
C ILE A 296 31.43 -0.44 11.46
N PRO A 297 30.93 0.53 10.71
CA PRO A 297 29.55 1.01 10.91
C PRO A 297 28.51 0.05 10.33
N TYR A 298 27.25 0.38 10.63
CA TYR A 298 26.08 -0.29 10.05
C TYR A 298 25.66 0.46 8.79
N THR A 299 25.39 -0.27 7.72
CA THR A 299 25.00 0.38 6.47
C THR A 299 23.59 -0.05 6.04
N PHE A 300 22.64 0.01 6.97
CA PHE A 300 21.27 -0.41 6.71
C PHE A 300 20.34 0.75 6.36
N GLU A 301 20.53 1.91 7.00
CA GLU A 301 19.55 2.99 6.89
C GLU A 301 19.38 3.45 5.45
N ASP A 302 20.48 3.88 4.81
CA ASP A 302 20.38 4.42 3.46
C ASP A 302 20.11 3.35 2.43
N ARG A 303 20.46 2.09 2.70
CA ARG A 303 20.11 1.02 1.77
C ARG A 303 18.62 0.71 1.83
N ILE A 304 18.04 0.71 3.03
CA ILE A 304 16.63 0.39 3.19
C ILE A 304 15.75 1.56 2.79
N ASN A 305 16.09 2.77 3.25
CA ASN A 305 15.29 3.94 2.91
C ASN A 305 15.29 4.19 1.41
N PHE A 306 16.36 3.83 0.71
CA PHE A 306 16.38 3.95 -0.75
C PHE A 306 15.55 2.87 -1.41
N ALA A 307 15.45 1.69 -0.79
CA ALA A 307 14.67 0.60 -1.36
C ALA A 307 13.17 0.89 -1.30
N VAL A 308 12.72 1.50 -0.20
CA VAL A 308 11.30 1.85 -0.08
C VAL A 308 10.95 2.93 -1.10
N PHE A 309 11.77 3.97 -1.17
CA PHE A 309 11.64 5.05 -2.16
C PHE A 309 13.04 5.50 -2.54
N PRO A 310 13.31 5.70 -3.84
CA PRO A 310 12.36 5.64 -4.96
C PRO A 310 12.37 4.31 -5.72
N SER A 311 12.84 3.24 -5.09
CA SER A 311 12.97 1.97 -5.80
C SER A 311 11.62 1.29 -5.98
N LEU A 312 10.92 1.02 -4.88
CA LEU A 312 9.72 0.18 -4.91
C LEU A 312 8.42 0.98 -4.86
N GLN A 313 8.34 1.99 -4.00
CA GLN A 313 7.11 2.73 -3.79
C GLN A 313 7.22 4.12 -4.37
N GLY A 314 6.12 4.87 -4.29
CA GLY A 314 6.10 6.26 -4.68
C GLY A 314 5.81 7.17 -3.50
N GLY A 315 4.74 7.94 -3.61
CA GLY A 315 4.31 8.78 -2.50
C GLY A 315 3.72 7.96 -1.39
N PRO A 316 4.21 8.16 -0.16
CA PRO A 316 3.68 7.40 0.97
C PRO A 316 2.27 7.80 1.32
N HIS A 317 1.56 6.89 1.98
CA HIS A 317 0.20 7.15 2.43
C HIS A 317 0.28 7.82 3.79
N ASN A 318 0.38 9.16 3.78
CA ASN A 318 0.54 9.90 5.02
C ASN A 318 -0.66 9.74 5.95
N HIS A 319 -1.84 9.45 5.38
CA HIS A 319 -3.00 9.17 6.21
C HIS A 319 -2.81 7.88 6.99
N ALA A 320 -2.20 6.88 6.37
CA ALA A 320 -1.90 5.64 7.09
C ALA A 320 -0.74 5.83 8.05
N ILE A 321 0.28 6.60 7.64
CA ILE A 321 1.42 6.87 8.53
C ILE A 321 0.94 7.55 9.81
N ALA A 322 0.04 8.53 9.68
CA ALA A 322 -0.52 9.17 10.86
C ALA A 322 -1.30 8.19 11.70
N ALA A 323 -2.15 7.37 11.06
CA ALA A 323 -2.92 6.38 11.80
C ALA A 323 -2.00 5.38 12.49
N VAL A 324 -0.87 5.04 11.87
CA VAL A 324 0.12 4.19 12.52
C VAL A 324 0.67 4.89 13.77
N ALA A 325 0.88 6.20 13.69
CA ALA A 325 1.43 6.93 14.83
C ALA A 325 0.42 6.99 15.97
N VAL A 326 -0.87 7.10 15.67
CA VAL A 326 -1.88 7.12 16.72
C VAL A 326 -1.90 5.80 17.47
N ALA A 327 -1.88 4.69 16.73
CA ALA A 327 -1.83 3.38 17.37
C ALA A 327 -0.52 3.15 18.09
N LEU A 328 0.58 3.71 17.58
CA LEU A 328 1.87 3.56 18.24
C LEU A 328 1.88 4.27 19.59
N LYS A 329 1.29 5.47 19.65
CA LYS A 329 1.17 6.17 20.92
C LYS A 329 0.37 5.35 21.92
N GLN A 330 -0.65 4.64 21.45
CA GLN A 330 -1.44 3.79 22.34
C GLN A 330 -0.65 2.57 22.82
N ALA A 331 0.40 2.18 22.10
CA ALA A 331 1.14 0.97 22.47
C ALA A 331 2.04 1.22 23.68
N CYS A 332 2.48 2.46 23.89
CA CYS A 332 3.35 2.79 25.01
C CYS A 332 2.59 3.03 26.31
N THR A 333 1.30 2.76 26.34
CA THR A 333 0.47 3.07 27.48
C THR A 333 0.23 1.84 28.34
N PRO A 334 -0.01 2.02 29.65
CA PRO A 334 -0.39 0.88 30.50
C PRO A 334 -1.64 0.18 30.02
N MET A 335 -2.49 0.85 29.24
CA MET A 335 -3.65 0.19 28.65
C MET A 335 -3.21 -0.95 27.74
N PHE A 336 -2.26 -0.68 26.83
CA PHE A 336 -1.83 -1.69 25.89
C PHE A 336 -1.07 -2.82 26.58
N ARG A 337 -0.33 -2.51 27.65
CA ARG A 337 0.32 -3.56 28.43
C ARG A 337 -0.70 -4.50 29.03
N GLU A 338 -1.82 -3.96 29.51
CA GLU A 338 -2.88 -4.80 30.06
C GLU A 338 -3.61 -5.56 28.97
N TYR A 339 -3.79 -4.94 27.80
CA TYR A 339 -4.48 -5.59 26.71
C TYR A 339 -3.67 -6.78 26.19
N SER A 340 -2.39 -6.56 25.90
CA SER A 340 -1.55 -7.64 25.40
C SER A 340 -1.42 -8.75 26.44
N LEU A 341 -1.42 -8.40 27.73
CA LEU A 341 -1.39 -9.43 28.77
C LEU A 341 -2.65 -10.27 28.76
N GLN A 342 -3.81 -9.64 28.55
CA GLN A 342 -5.05 -10.38 28.47
C GLN A 342 -5.11 -11.25 27.22
N VAL A 343 -4.43 -10.84 26.15
CA VAL A 343 -4.37 -11.65 24.94
C VAL A 343 -3.70 -12.99 25.23
N LEU A 344 -2.56 -12.94 25.91
CA LEU A 344 -1.87 -14.18 26.28
C LEU A 344 -2.74 -15.03 27.20
N LYS A 345 -3.40 -14.39 28.18
CA LYS A 345 -4.28 -15.13 29.08
C LYS A 345 -5.45 -15.74 28.32
N ASN A 346 -6.03 -15.00 27.38
CA ASN A 346 -7.15 -15.51 26.61
C ASN A 346 -6.73 -16.66 25.70
N ALA A 347 -5.52 -16.57 25.14
CA ALA A 347 -5.05 -17.61 24.22
C ALA A 347 -4.83 -18.92 24.96
N ARG A 348 -4.19 -18.88 26.12
CA ARG A 348 -3.99 -20.10 26.90
C ARG A 348 -5.28 -20.59 27.53
N ALA A 349 -6.20 -19.66 27.84
CA ALA A 349 -7.52 -20.07 28.30
C ALA A 349 -8.29 -20.75 27.19
N MET A 350 -8.14 -20.26 25.95
CA MET A 350 -8.72 -20.95 24.81
C MET A 350 -8.01 -22.27 24.54
N ALA A 351 -6.70 -22.32 24.78
CA ALA A 351 -5.94 -23.54 24.55
C ALA A 351 -6.35 -24.63 25.53
N ASP A 352 -6.27 -24.34 26.82
CA ASP A 352 -6.60 -25.35 27.83
C ASP A 352 -8.07 -25.76 27.74
N ALA A 353 -8.95 -24.83 27.38
CA ALA A 353 -10.35 -25.21 27.15
C ALA A 353 -10.46 -26.19 26.01
N LEU A 354 -9.75 -25.95 24.90
CA LEU A 354 -9.76 -26.88 23.78
C LEU A 354 -9.21 -28.25 24.18
N LEU A 355 -8.20 -28.27 25.06
CA LEU A 355 -7.60 -29.53 25.46
C LEU A 355 -8.56 -30.38 26.26
N GLU A 356 -9.35 -29.75 27.15
CA GLU A 356 -10.24 -30.52 28.01
C GLU A 356 -11.38 -31.16 27.22
N ARG A 357 -11.81 -30.53 26.13
N ARG A 357 -11.80 -30.54 26.13
CA ARG A 357 -12.87 -31.08 25.31
CA ARG A 357 -12.88 -31.08 25.31
C ARG A 357 -12.37 -32.06 24.25
C ARG A 357 -12.44 -32.24 24.43
N GLY A 358 -11.14 -32.57 24.42
CA GLY A 358 -10.64 -33.64 23.59
C GLY A 358 -9.91 -33.22 22.33
N TYR A 359 -9.48 -31.98 22.23
CA TYR A 359 -8.76 -31.50 21.07
C TYR A 359 -7.26 -31.49 21.35
N SER A 360 -6.47 -31.85 20.34
CA SER A 360 -5.02 -31.78 20.42
C SER A 360 -4.53 -30.50 19.76
N LEU A 361 -3.38 -30.01 20.21
CA LEU A 361 -2.81 -28.76 19.73
C LEU A 361 -1.39 -28.98 19.26
N VAL A 362 -1.02 -28.29 18.18
CA VAL A 362 0.35 -28.35 17.69
C VAL A 362 1.29 -27.76 18.73
N SER A 363 2.38 -28.46 19.01
CA SER A 363 3.35 -28.07 20.05
C SER A 363 2.71 -27.98 21.43
N GLY A 364 1.65 -28.76 21.65
CA GLY A 364 1.02 -28.85 22.97
C GLY A 364 0.09 -27.73 23.39
N GLY A 365 0.52 -26.48 23.23
CA GLY A 365 -0.29 -25.35 23.64
C GLY A 365 0.09 -24.07 22.95
N THR A 366 0.25 -22.99 23.72
CA THR A 366 0.56 -21.68 23.15
C THR A 366 1.37 -20.87 24.14
N ASP A 367 2.29 -20.08 23.60
CA ASP A 367 3.02 -19.08 24.38
C ASP A 367 2.79 -17.67 23.87
N ASN A 368 1.95 -17.50 22.84
CA ASN A 368 1.67 -16.19 22.29
C ASN A 368 0.18 -15.92 22.21
N HIS A 369 -0.29 -15.44 21.06
CA HIS A 369 -1.66 -14.97 20.88
C HIS A 369 -2.54 -15.95 20.11
N LEU A 370 -1.97 -17.02 19.57
CA LEU A 370 -2.74 -17.95 18.74
C LEU A 370 -2.49 -19.37 19.19
N VAL A 371 -3.45 -20.24 18.88
CA VAL A 371 -3.32 -21.68 19.09
C VAL A 371 -3.55 -22.38 17.76
N LEU A 372 -2.88 -23.51 17.59
CA LEU A 372 -3.01 -24.33 16.39
C LEU A 372 -3.71 -25.62 16.77
N VAL A 373 -4.97 -25.74 16.36
CA VAL A 373 -5.79 -26.91 16.68
C VAL A 373 -5.53 -27.99 15.65
N ASP A 374 -5.41 -29.24 16.12
CA ASP A 374 -5.28 -30.40 15.24
C ASP A 374 -6.59 -31.17 15.32
N LEU A 375 -7.44 -30.99 14.31
CA LEU A 375 -8.74 -31.65 14.27
C LEU A 375 -8.68 -33.08 13.74
N ARG A 376 -7.51 -33.52 13.25
CA ARG A 376 -7.41 -34.86 12.69
C ARG A 376 -7.73 -35.97 13.68
N PRO A 377 -7.26 -35.94 14.95
CA PRO A 377 -7.64 -37.01 15.89
C PRO A 377 -9.10 -36.90 16.36
N LYS A 378 -9.85 -35.96 15.80
CA LYS A 378 -11.27 -35.82 16.12
C LYS A 378 -12.17 -36.15 14.95
N GLY A 379 -11.61 -36.49 13.79
CA GLY A 379 -12.39 -36.93 12.66
C GLY A 379 -12.82 -35.86 11.69
N LEU A 380 -12.23 -34.66 11.75
CA LEU A 380 -12.59 -33.59 10.85
C LEU A 380 -11.34 -32.86 10.39
N ASP A 381 -11.42 -32.25 9.22
CA ASP A 381 -10.33 -31.45 8.68
C ASP A 381 -10.65 -29.96 8.83
N GLY A 382 -9.60 -29.14 8.71
CA GLY A 382 -9.77 -27.71 8.88
C GLY A 382 -10.63 -27.08 7.80
N ALA A 383 -10.52 -27.58 6.56
CA ALA A 383 -11.31 -27.05 5.47
C ALA A 383 -12.81 -27.27 5.70
N ARG A 384 -13.17 -28.37 6.34
CA ARG A 384 -14.57 -28.63 6.65
C ARG A 384 -15.04 -27.80 7.84
N ALA A 385 -14.23 -27.72 8.89
CA ALA A 385 -14.65 -27.04 10.10
C ALA A 385 -14.70 -25.52 9.91
N GLU A 386 -13.77 -24.98 9.11
CA GLU A 386 -13.76 -23.54 8.89
C GLU A 386 -15.03 -23.09 8.15
N ARG A 387 -15.47 -23.88 7.16
CA ARG A 387 -16.74 -23.59 6.51
C ARG A 387 -17.90 -23.73 7.49
N VAL A 388 -17.83 -24.71 8.38
CA VAL A 388 -18.85 -24.87 9.41
C VAL A 388 -18.88 -23.64 10.31
N LEU A 389 -17.72 -23.25 10.83
CA LEU A 389 -17.66 -22.09 11.72
C LEU A 389 -17.97 -20.80 10.98
N GLU A 390 -17.67 -20.72 9.69
CA GLU A 390 -18.00 -19.52 8.91
C GLU A 390 -19.51 -19.31 8.83
N LEU A 391 -20.27 -20.40 8.67
CA LEU A 391 -21.72 -20.28 8.58
C LEU A 391 -22.37 -19.91 9.91
N VAL A 392 -21.63 -19.97 11.02
CA VAL A 392 -22.17 -19.57 12.31
C VAL A 392 -21.42 -18.35 12.81
N SER A 393 -20.90 -17.56 11.88
CA SER A 393 -20.23 -16.28 12.19
C SER A 393 -19.02 -16.48 13.09
N ILE A 394 -18.26 -17.54 12.85
CA ILE A 394 -17.00 -17.81 13.55
C ILE A 394 -15.94 -17.92 12.47
N THR A 395 -15.21 -16.82 12.24
CA THR A 395 -14.23 -16.78 11.14
C THR A 395 -12.89 -17.28 11.65
N ALA A 396 -12.57 -18.52 11.31
CA ALA A 396 -11.26 -19.12 11.54
C ALA A 396 -10.66 -19.51 10.19
N ASN A 397 -9.45 -20.05 10.22
CA ASN A 397 -8.77 -20.44 8.99
C ASN A 397 -8.13 -21.81 9.16
N LYS A 398 -8.21 -22.62 8.10
CA LYS A 398 -7.58 -23.93 8.10
C LYS A 398 -6.07 -23.79 8.13
N ASN A 399 -5.40 -24.78 8.70
CA ASN A 399 -3.95 -24.76 8.86
C ASN A 399 -3.38 -26.14 8.58
N THR A 400 -2.35 -26.20 7.75
CA THR A 400 -1.67 -27.46 7.48
C THR A 400 -0.94 -27.92 8.74
N CYS A 401 -1.23 -29.13 9.17
CA CYS A 401 -0.59 -29.62 10.38
C CYS A 401 0.73 -30.31 10.07
N PRO A 402 1.69 -30.25 10.99
CA PRO A 402 3.00 -30.88 10.75
C PRO A 402 2.86 -32.37 10.43
N GLY A 403 3.29 -32.74 9.23
CA GLY A 403 3.24 -34.12 8.81
C GLY A 403 2.53 -34.33 7.49
N ASP A 404 1.34 -33.76 7.35
CA ASP A 404 0.57 -33.91 6.12
C ASP A 404 1.23 -33.14 4.99
N ARG A 405 1.23 -33.73 3.80
CA ARG A 405 1.98 -33.21 2.65
C ARG A 405 1.25 -32.05 1.97
N SER A 406 0.96 -31.02 2.77
CA SER A 406 0.47 -29.73 2.28
C SER A 406 -0.83 -29.86 1.46
N ALA A 407 -0.73 -30.45 0.26
CA ALA A 407 -1.86 -30.46 -0.66
C ALA A 407 -3.07 -31.19 -0.09
N ILE A 408 -2.83 -32.22 0.73
CA ILE A 408 -3.93 -32.90 1.40
C ILE A 408 -4.72 -31.90 2.23
N THR A 409 -6.05 -32.07 2.25
CA THR A 409 -6.94 -31.14 2.93
C THR A 409 -6.47 -30.90 4.35
N PRO A 410 -6.19 -29.64 4.73
CA PRO A 410 -5.59 -29.37 6.04
C PRO A 410 -6.48 -29.85 7.18
N GLY A 411 -5.89 -30.60 8.10
CA GLY A 411 -6.62 -31.12 9.24
C GLY A 411 -6.39 -30.32 10.50
N GLY A 412 -6.38 -28.99 10.38
CA GLY A 412 -6.16 -28.15 11.53
C GLY A 412 -6.71 -26.75 11.31
N LEU A 413 -6.86 -26.05 12.43
CA LEU A 413 -7.35 -24.68 12.42
C LEU A 413 -6.39 -23.79 13.21
N ARG A 414 -6.40 -22.50 12.87
CA ARG A 414 -5.63 -21.49 13.59
C ARG A 414 -6.60 -20.51 14.23
N LEU A 415 -6.54 -20.40 15.55
CA LEU A 415 -7.45 -19.56 16.31
C LEU A 415 -6.69 -18.38 16.93
N GLY A 416 -7.33 -17.22 16.95
CA GLY A 416 -6.68 -15.99 17.38
C GLY A 416 -7.40 -15.34 18.54
N ALA A 417 -6.62 -14.73 19.43
CA ALA A 417 -7.10 -14.05 20.63
C ALA A 417 -7.20 -12.53 20.49
N PRO A 418 -6.26 -11.84 19.83
CA PRO A 418 -6.29 -10.37 19.87
C PRO A 418 -7.58 -9.73 19.35
N ALA A 419 -8.31 -10.42 18.47
CA ALA A 419 -9.51 -9.81 17.91
C ALA A 419 -10.60 -9.65 18.96
N LEU A 420 -10.96 -10.73 19.64
CA LEU A 420 -11.98 -10.65 20.68
C LEU A 420 -11.47 -9.91 21.91
N THR A 421 -10.19 -10.07 22.25
CA THR A 421 -9.64 -9.40 23.42
C THR A 421 -9.74 -7.88 23.28
N SER A 422 -9.64 -7.36 22.05
CA SER A 422 -9.84 -5.94 21.84
C SER A 422 -11.27 -5.52 22.19
N ARG A 423 -12.21 -6.46 22.11
CA ARG A 423 -13.59 -6.22 22.52
C ARG A 423 -13.83 -6.56 23.98
N GLN A 424 -12.77 -6.54 24.81
CA GLN A 424 -12.87 -6.76 26.25
C GLN A 424 -13.35 -8.18 26.57
N PHE A 425 -12.86 -9.16 25.80
CA PHE A 425 -13.16 -10.55 26.09
C PHE A 425 -12.32 -11.04 27.26
N ARG A 426 -12.89 -11.91 28.08
CA ARG A 426 -12.23 -12.47 29.25
C ARG A 426 -11.91 -13.95 28.99
N GLU A 427 -11.26 -14.56 29.98
CA GLU A 427 -10.86 -15.97 29.85
C GLU A 427 -12.08 -16.88 29.73
N ASP A 428 -13.05 -16.69 30.62
CA ASP A 428 -14.27 -17.48 30.54
C ASP A 428 -15.11 -17.11 29.33
N ASP A 429 -14.86 -15.95 28.72
CA ASP A 429 -15.51 -15.63 27.45
C ASP A 429 -14.92 -16.45 26.31
N PHE A 430 -13.60 -16.61 26.30
CA PHE A 430 -12.97 -17.48 25.31
C PHE A 430 -13.29 -18.95 25.60
N ARG A 431 -13.50 -19.30 26.87
CA ARG A 431 -13.95 -20.65 27.18
C ARG A 431 -15.34 -20.91 26.61
N ARG A 432 -16.18 -19.89 26.58
CA ARG A 432 -17.46 -19.98 25.89
C ARG A 432 -17.27 -20.02 24.38
N VAL A 433 -16.22 -19.35 23.88
CA VAL A 433 -15.89 -19.43 22.46
C VAL A 433 -15.60 -20.88 22.08
N VAL A 434 -14.83 -21.59 22.90
CA VAL A 434 -14.49 -22.98 22.62
C VAL A 434 -15.74 -23.85 22.64
N ASP A 435 -16.72 -23.53 23.49
CA ASP A 435 -17.97 -24.27 23.50
C ASP A 435 -18.70 -24.14 22.17
N PHE A 436 -18.71 -22.93 21.59
CA PHE A 436 -19.36 -22.73 20.30
C PHE A 436 -18.62 -23.44 19.18
N ILE A 437 -17.31 -23.62 19.32
CA ILE A 437 -16.56 -24.38 18.32
C ILE A 437 -16.84 -25.87 18.46
N ASP A 438 -17.01 -26.35 19.69
CA ASP A 438 -17.30 -27.76 19.91
C ASP A 438 -18.63 -28.14 19.28
N GLU A 439 -19.62 -27.25 19.35
CA GLU A 439 -20.89 -27.52 18.69
C GLU A 439 -20.73 -27.52 17.17
N GLY A 440 -19.98 -26.56 16.63
CA GLY A 440 -19.77 -26.52 15.20
C GLY A 440 -19.04 -27.75 14.67
N VAL A 441 -17.98 -28.17 15.36
CA VAL A 441 -17.25 -29.36 14.94
C VAL A 441 -18.18 -30.58 14.92
N ASN A 442 -19.03 -30.71 15.94
CA ASN A 442 -19.94 -31.85 16.00
C ASN A 442 -20.99 -31.79 14.89
N ILE A 443 -21.43 -30.59 14.51
CA ILE A 443 -22.35 -30.46 13.39
C ILE A 443 -21.66 -30.86 12.09
N GLY A 444 -20.41 -30.43 11.90
CA GLY A 444 -19.67 -30.85 10.73
C GLY A 444 -19.33 -32.33 10.75
N LEU A 445 -19.13 -32.90 11.95
CA LEU A 445 -18.83 -34.33 12.04
C LEU A 445 -20.01 -35.17 11.55
N GLU A 446 -21.24 -34.74 11.85
CA GLU A 446 -22.41 -35.46 11.37
C GLU A 446 -22.61 -35.32 9.87
N VAL A 447 -22.01 -34.29 9.25
CA VAL A 447 -22.09 -34.14 7.81
C VAL A 447 -21.01 -34.93 7.09
N LYS A 448 -19.83 -35.09 7.71
CA LYS A 448 -18.80 -35.94 7.13
C LYS A 448 -19.30 -37.36 6.91
N SER A 449 -20.16 -37.85 7.80
CA SER A 449 -20.75 -39.17 7.62
C SER A 449 -21.82 -39.16 6.54
N LYS A 450 -22.61 -38.08 6.45
CA LYS A 450 -23.66 -37.97 5.46
C LYS A 450 -23.14 -37.59 4.08
N THR A 451 -21.87 -37.20 3.95
CA THR A 451 -21.29 -36.79 2.69
C THR A 451 -20.03 -37.60 2.42
N ALA A 452 -19.40 -37.32 1.27
CA ALA A 452 -18.20 -38.04 0.87
C ALA A 452 -17.09 -37.09 0.46
N LYS A 453 -17.43 -36.08 -0.34
CA LYS A 453 -16.46 -35.11 -0.81
C LYS A 453 -16.62 -33.79 -0.06
N LEU A 454 -15.67 -32.87 -0.32
CA LEU A 454 -15.69 -31.59 0.38
C LEU A 454 -16.79 -30.68 -0.17
N GLN A 455 -17.04 -30.73 -1.48
CA GLN A 455 -18.11 -29.92 -2.04
C GLN A 455 -19.48 -30.50 -1.72
N ASP A 456 -19.58 -31.84 -1.61
CA ASP A 456 -20.79 -32.43 -1.04
C ASP A 456 -21.01 -31.93 0.39
N PHE A 457 -19.92 -31.78 1.14
CA PHE A 457 -19.99 -31.24 2.50
C PHE A 457 -20.46 -29.79 2.48
N LYS A 458 -19.90 -28.98 1.57
CA LYS A 458 -20.24 -27.56 1.53
C LYS A 458 -21.69 -27.35 1.12
N SER A 459 -22.16 -28.09 0.10
CA SER A 459 -23.52 -27.91 -0.38
C SER A 459 -24.54 -28.48 0.58
N PHE A 460 -24.20 -29.58 1.28
CA PHE A 460 -25.13 -30.18 2.22
C PHE A 460 -25.42 -29.24 3.39
N LEU A 461 -24.44 -28.42 3.79
CA LEU A 461 -24.66 -27.48 4.88
C LEU A 461 -25.70 -26.42 4.55
N LEU A 462 -25.94 -26.16 3.26
CA LEU A 462 -26.86 -25.11 2.84
C LEU A 462 -28.22 -25.65 2.37
N LYS A 463 -28.25 -26.83 1.77
CA LYS A 463 -29.47 -27.35 1.17
C LYS A 463 -30.24 -28.30 2.07
N ASP A 464 -29.57 -28.98 3.00
CA ASP A 464 -30.27 -29.92 3.88
C ASP A 464 -31.20 -29.17 4.83
N SER A 465 -32.38 -29.73 5.04
CA SER A 465 -33.38 -29.07 5.88
C SER A 465 -32.92 -29.03 7.34
N GLU A 466 -32.60 -30.20 7.92
CA GLU A 466 -32.26 -30.26 9.32
C GLU A 466 -30.92 -29.57 9.62
N THR A 467 -29.94 -29.74 8.72
CA THR A 467 -28.63 -29.17 8.97
C THR A 467 -28.62 -27.65 8.83
N SER A 468 -29.55 -27.10 8.03
CA SER A 468 -29.60 -25.65 7.88
C SER A 468 -30.09 -24.97 9.15
N GLN A 469 -31.12 -25.53 9.80
CA GLN A 469 -31.68 -24.86 10.97
C GLN A 469 -30.74 -24.94 12.18
N ARG A 470 -29.98 -26.03 12.32
CA ARG A 470 -29.06 -26.17 13.43
C ARG A 470 -27.87 -25.23 13.25
N LEU A 471 -27.45 -25.01 12.00
CA LEU A 471 -26.48 -23.96 11.73
C LEU A 471 -27.06 -22.58 12.02
N ALA A 472 -28.33 -22.38 11.67
CA ALA A 472 -28.97 -21.09 11.95
C ALA A 472 -29.17 -20.88 13.45
N ASN A 473 -29.47 -21.95 14.19
CA ASN A 473 -29.63 -21.82 15.63
C ASN A 473 -28.30 -21.50 16.31
N LEU A 474 -27.23 -22.18 15.90
CA LEU A 474 -25.92 -21.90 16.46
C LEU A 474 -25.43 -20.51 16.07
N ARG A 475 -25.71 -20.10 14.83
CA ARG A 475 -25.31 -18.76 14.39
C ARG A 475 -25.99 -17.68 15.21
N GLN A 476 -27.30 -17.79 15.40
CA GLN A 476 -28.04 -16.81 16.19
C GLN A 476 -27.54 -16.77 17.62
N ARG A 477 -27.28 -17.95 18.21
CA ARG A 477 -26.73 -18.00 19.56
C ARG A 477 -25.32 -17.42 19.62
N VAL A 478 -24.56 -17.53 18.53
CA VAL A 478 -23.23 -16.94 18.49
C VAL A 478 -23.32 -15.43 18.32
N GLU A 479 -24.22 -14.96 17.44
CA GLU A 479 -24.32 -13.53 17.19
C GLU A 479 -24.88 -12.77 18.39
N GLN A 480 -25.80 -13.38 19.14
CA GLN A 480 -26.28 -12.75 20.37
C GLN A 480 -25.14 -12.54 21.35
N PHE A 481 -24.36 -13.59 21.62
CA PHE A 481 -23.27 -13.50 22.57
C PHE A 481 -22.18 -12.55 22.08
N ALA A 482 -22.00 -12.44 20.76
CA ALA A 482 -20.93 -11.60 20.23
C ALA A 482 -21.30 -10.12 20.24
N ARG A 483 -22.56 -9.81 19.92
CA ARG A 483 -22.99 -8.41 19.85
C ARG A 483 -22.94 -7.71 21.19
N ALA A 484 -22.99 -8.45 22.30
CA ALA A 484 -23.02 -7.84 23.62
C ALA A 484 -21.71 -7.13 23.97
N PHE A 485 -20.61 -7.52 23.36
CA PHE A 485 -19.31 -6.94 23.67
C PHE A 485 -19.09 -5.64 22.90
N PRO A 486 -18.23 -4.76 23.41
CA PRO A 486 -17.92 -3.51 22.68
C PRO A 486 -17.19 -3.77 21.38
N MET A 487 -16.87 -2.69 20.67
CA MET A 487 -16.20 -2.79 19.38
C MET A 487 -15.49 -1.49 19.05
N PRO A 488 -14.18 -1.52 18.85
CA PRO A 488 -13.46 -0.29 18.49
C PRO A 488 -13.94 0.29 17.16
N GLY A 489 -13.61 1.55 16.94
CA GLY A 489 -14.02 2.23 15.73
C GLY A 489 -15.30 3.02 15.92
N PHE A 490 -15.88 3.40 14.79
CA PHE A 490 -17.12 4.16 14.80
C PHE A 490 -18.31 3.26 15.12
N ASP A 491 -19.36 3.87 15.67
CA ASP A 491 -20.61 3.13 15.91
C ASP A 491 -21.28 2.74 14.60
N GLU A 492 -21.18 3.59 13.59
CA GLU A 492 -21.93 3.47 12.35
C GLU A 492 -21.23 2.60 11.31
N HIS A 493 -19.91 2.70 11.21
CA HIS A 493 -19.17 2.09 10.12
C HIS A 493 -17.71 1.81 10.50
N TRP B 32 -10.84 0.96 28.85
CA TRP B 32 -10.63 1.32 27.45
C TRP B 32 -11.83 0.93 26.60
N THR B 33 -12.00 1.62 25.48
CA THR B 33 -13.15 1.38 24.60
C THR B 33 -12.72 1.27 23.14
N GLY B 34 -11.88 2.21 22.69
CA GLY B 34 -11.50 2.28 21.30
C GLY B 34 -12.40 3.17 20.46
N GLN B 35 -13.51 3.64 21.00
CA GLN B 35 -14.43 4.52 20.28
C GLN B 35 -14.22 5.98 20.62
N GLU B 36 -13.22 6.32 21.42
CA GLU B 36 -12.93 7.70 21.74
C GLU B 36 -12.47 8.45 20.51
N SER B 37 -12.73 9.76 20.49
CA SER B 37 -12.34 10.59 19.36
C SER B 37 -10.81 10.68 19.27
N LEU B 38 -10.35 11.17 18.12
CA LEU B 38 -8.91 11.42 17.98
C LEU B 38 -8.49 12.64 18.77
N SER B 39 -9.34 13.67 18.80
CA SER B 39 -9.04 14.87 19.60
C SER B 39 -9.06 14.59 21.09
N ASP B 40 -9.79 13.56 21.53
CA ASP B 40 -9.81 13.22 22.94
C ASP B 40 -8.59 12.40 23.34
N SER B 41 -8.29 11.35 22.58
CA SER B 41 -7.23 10.42 22.95
C SER B 41 -5.85 11.00 22.64
N ASP B 42 -5.61 11.37 21.38
CA ASP B 42 -4.32 11.86 20.92
C ASP B 42 -4.45 13.32 20.47
N PRO B 43 -4.27 14.28 21.38
CA PRO B 43 -4.32 15.68 20.96
C PRO B 43 -3.11 16.12 20.16
N GLU B 44 -1.93 15.54 20.43
CA GLU B 44 -0.74 15.92 19.67
C GLU B 44 -0.88 15.61 18.20
N MET B 45 -1.54 14.50 17.86
CA MET B 45 -1.79 14.16 16.47
C MET B 45 -2.94 14.97 15.89
N TRP B 46 -3.94 15.29 16.71
CA TRP B 46 -5.09 16.04 16.22
C TRP B 46 -4.69 17.45 15.78
N GLU B 47 -3.75 18.07 16.49
CA GLU B 47 -3.28 19.39 16.09
C GLU B 47 -2.51 19.30 14.77
N LEU B 48 -1.75 18.22 14.56
CA LEU B 48 -1.07 18.03 13.29
C LEU B 48 -2.05 17.82 12.16
N LEU B 49 -3.19 17.17 12.44
CA LEU B 49 -4.20 16.98 11.41
C LEU B 49 -4.80 18.31 10.96
N GLN B 50 -5.05 19.23 11.90
CA GLN B 50 -5.59 20.53 11.55
C GLN B 50 -4.53 21.42 10.90
N ARG B 51 -3.29 21.33 11.37
CA ARG B 51 -2.22 22.12 10.78
C ARG B 51 -1.99 21.73 9.33
N GLU B 52 -2.18 20.46 8.99
CA GLU B 52 -2.07 20.04 7.60
C GLU B 52 -3.31 20.45 6.80
N LYS B 53 -4.50 20.33 7.40
CA LYS B 53 -5.71 20.77 6.71
C LYS B 53 -5.69 22.27 6.48
N ASP B 54 -5.25 23.05 7.48
CA ASP B 54 -5.12 24.49 7.29
C ASP B 54 -4.06 24.83 6.25
N ARG B 55 -2.99 24.03 6.18
CA ARG B 55 -1.98 24.25 5.16
C ARG B 55 -2.53 23.95 3.76
N GLN B 56 -3.37 22.92 3.65
CA GLN B 56 -3.98 22.60 2.36
C GLN B 56 -4.93 23.70 1.92
N CYS B 57 -5.65 24.32 2.87
CA CYS B 57 -6.61 25.36 2.52
C CYS B 57 -5.93 26.68 2.23
N ARG B 58 -4.91 27.04 3.00
CA ARG B 58 -4.23 28.31 2.84
C ARG B 58 -3.33 28.38 1.61
N GLY B 59 -3.07 27.26 0.94
CA GLY B 59 -2.14 27.29 -0.17
C GLY B 59 -2.76 27.04 -1.53
N LEU B 60 -2.02 27.35 -2.60
CA LEU B 60 -2.42 27.03 -3.97
C LEU B 60 -1.64 25.80 -4.39
N GLU B 61 -2.21 24.62 -4.12
CA GLU B 61 -1.59 23.38 -4.56
C GLU B 61 -1.58 23.32 -6.08
N LEU B 62 -0.39 23.29 -6.67
CA LEU B 62 -0.25 23.27 -8.12
C LEU B 62 0.52 22.05 -8.62
N ILE B 63 0.80 21.08 -7.75
CA ILE B 63 1.45 19.85 -8.18
C ILE B 63 0.47 19.04 -9.02
N ALA B 64 0.88 18.66 -10.22
CA ALA B 64 -0.01 17.95 -11.13
C ALA B 64 -0.47 16.61 -10.57
N SER B 65 0.26 16.05 -9.62
CA SER B 65 -0.09 14.76 -9.04
C SER B 65 -0.99 14.88 -7.82
N GLU B 66 -1.14 16.08 -7.25
CA GLU B 66 -1.95 16.26 -6.06
C GLU B 66 -3.42 16.45 -6.42
N ASN B 67 -4.27 16.17 -5.44
CA ASN B 67 -5.72 16.40 -5.56
C ASN B 67 -6.34 16.29 -4.18
N PHE B 68 -7.48 16.95 -4.01
CA PHE B 68 -8.19 16.99 -2.73
C PHE B 68 -9.37 16.02 -2.80
N CYS B 69 -9.27 14.93 -2.05
CA CYS B 69 -10.29 13.89 -2.11
C CYS B 69 -11.58 14.34 -1.41
N SER B 70 -12.69 13.77 -1.85
CA SER B 70 -14.00 14.10 -1.30
C SER B 70 -14.19 13.45 0.06
N ARG B 71 -15.14 14.00 0.83
CA ARG B 71 -15.45 13.45 2.14
C ARG B 71 -16.08 12.06 2.04
N ALA B 72 -16.85 11.82 0.97
CA ALA B 72 -17.50 10.52 0.81
C ALA B 72 -16.48 9.39 0.78
N ALA B 73 -15.36 9.58 0.07
CA ALA B 73 -14.33 8.55 0.03
C ALA B 73 -13.53 8.54 1.33
N LEU B 74 -13.31 9.71 1.94
CA LEU B 74 -12.58 9.74 3.21
C LEU B 74 -13.35 9.03 4.31
N GLU B 75 -14.69 9.04 4.25
CA GLU B 75 -15.47 8.26 5.20
C GLU B 75 -15.28 6.77 4.95
N ALA B 76 -15.15 6.37 3.69
CA ALA B 76 -14.93 4.97 3.36
C ALA B 76 -13.47 4.57 3.60
N LEU B 77 -12.53 5.51 3.44
CA LEU B 77 -11.13 5.20 3.67
C LEU B 77 -10.88 4.88 5.15
N GLY B 78 -11.37 5.73 6.04
CA GLY B 78 -11.24 5.49 7.46
C GLY B 78 -12.42 4.77 8.04
N SER B 79 -12.77 3.63 7.45
CA SER B 79 -13.92 2.83 7.84
C SER B 79 -13.47 1.56 8.54
N CYS B 80 -14.45 0.71 8.87
CA CYS B 80 -14.18 -0.53 9.59
C CYS B 80 -13.60 -1.62 8.70
N LEU B 81 -13.57 -1.42 7.38
CA LEU B 81 -13.04 -2.44 6.48
C LEU B 81 -11.54 -2.67 6.67
N ASN B 82 -10.84 -1.77 7.37
CA ASN B 82 -9.45 -2.01 7.73
C ASN B 82 -9.28 -3.28 8.55
N ASN B 83 -10.37 -3.80 9.12
CA ASN B 83 -10.30 -4.96 10.00
C ASN B 83 -10.85 -6.22 9.34
N LYS B 84 -10.45 -6.48 8.09
CA LYS B 84 -10.87 -7.71 7.42
C LYS B 84 -9.76 -8.18 6.50
N TYR B 85 -9.06 -9.23 6.91
CA TYR B 85 -8.08 -9.88 6.06
C TYR B 85 -8.79 -10.65 4.95
N SER B 86 -9.00 -10.02 3.81
CA SER B 86 -9.69 -10.65 2.68
C SER B 86 -8.70 -11.07 1.60
N GLU B 87 -7.66 -11.80 2.01
CA GLU B 87 -6.65 -12.25 1.06
C GLU B 87 -7.28 -13.22 0.06
N GLY B 88 -6.96 -13.02 -1.22
CA GLY B 88 -7.57 -13.77 -2.30
C GLY B 88 -8.36 -12.86 -3.21
N TYR B 89 -9.41 -13.42 -3.79
CA TYR B 89 -10.27 -12.71 -4.72
C TYR B 89 -11.70 -13.16 -4.53
N PRO B 90 -12.68 -12.36 -4.93
CA PRO B 90 -14.09 -12.73 -4.69
C PRO B 90 -14.41 -14.10 -5.23
N GLY B 91 -14.99 -14.95 -4.37
CA GLY B 91 -15.24 -16.33 -4.69
C GLY B 91 -14.05 -17.26 -4.53
N LYS B 92 -12.83 -16.73 -4.61
CA LYS B 92 -11.62 -17.53 -4.44
C LYS B 92 -10.82 -17.01 -3.25
N ARG B 93 -11.51 -16.77 -2.13
CA ARG B 93 -10.87 -16.24 -0.95
C ARG B 93 -10.12 -17.32 -0.19
N TYR B 94 -9.09 -16.91 0.54
CA TYR B 94 -8.31 -17.86 1.33
C TYR B 94 -8.99 -18.20 2.65
N TYR B 95 -9.78 -17.27 3.20
CA TYR B 95 -10.49 -17.46 4.44
C TYR B 95 -12.00 -17.58 4.19
N GLY B 96 -12.79 -17.25 5.21
CA GLY B 96 -14.22 -17.08 5.11
C GLY B 96 -14.61 -15.74 5.68
N GLY B 97 -15.91 -15.53 5.89
CA GLY B 97 -16.40 -14.27 6.43
C GLY B 97 -16.16 -13.11 5.49
N ALA B 98 -15.84 -13.45 4.25
CA ALA B 98 -15.58 -12.44 3.23
C ALA B 98 -16.87 -12.11 2.50
N GLU B 99 -18.00 -12.27 3.20
CA GLU B 99 -19.30 -12.15 2.55
C GLU B 99 -19.55 -10.73 2.06
N VAL B 100 -19.26 -9.73 2.89
CA VAL B 100 -19.53 -8.35 2.52
C VAL B 100 -18.40 -7.74 1.71
N VAL B 101 -17.15 -8.07 2.04
CA VAL B 101 -16.01 -7.48 1.33
C VAL B 101 -15.94 -7.94 -0.11
N ASP B 102 -16.57 -9.07 -0.43
CA ASP B 102 -16.56 -9.56 -1.80
C ASP B 102 -17.36 -8.65 -2.73
N GLU B 103 -18.59 -8.33 -2.34
CA GLU B 103 -19.42 -7.44 -3.16
C GLU B 103 -18.90 -6.01 -3.18
N ILE B 104 -18.11 -5.62 -2.18
CA ILE B 104 -17.49 -4.30 -2.20
C ILE B 104 -16.37 -4.26 -3.24
N GLU B 105 -15.63 -5.36 -3.37
CA GLU B 105 -14.59 -5.43 -4.40
C GLU B 105 -15.21 -5.56 -5.78
N LEU B 106 -16.30 -6.31 -5.90
CA LEU B 106 -16.93 -6.48 -7.20
C LEU B 106 -17.65 -5.21 -7.64
N LEU B 107 -18.25 -4.47 -6.70
CA LEU B 107 -18.80 -3.17 -7.02
C LEU B 107 -17.69 -2.21 -7.45
N CYS B 108 -16.53 -2.30 -6.81
CA CYS B 108 -15.39 -1.51 -7.24
C CYS B 108 -14.90 -1.92 -8.62
N GLN B 109 -14.93 -3.23 -8.91
CA GLN B 109 -14.55 -3.70 -10.23
C GLN B 109 -15.56 -3.25 -11.28
N ARG B 110 -16.86 -3.35 -10.96
CA ARG B 110 -17.89 -2.91 -11.89
C ARG B 110 -17.83 -1.41 -12.12
N ARG B 111 -17.63 -0.63 -11.06
CA ARG B 111 -17.54 0.82 -11.21
C ARG B 111 -16.27 1.22 -11.96
N ALA B 112 -15.22 0.40 -11.89
CA ALA B 112 -13.99 0.72 -12.60
C ALA B 112 -14.16 0.54 -14.11
N LEU B 113 -14.82 -0.54 -14.53
CA LEU B 113 -15.07 -0.74 -15.95
C LEU B 113 -16.14 0.23 -16.47
N GLU B 114 -17.12 0.55 -15.64
CA GLU B 114 -18.19 1.45 -16.07
C GLU B 114 -17.69 2.87 -16.24
N ALA B 115 -16.77 3.31 -15.38
CA ALA B 115 -16.27 4.67 -15.45
C ALA B 115 -15.51 4.93 -16.75
N PHE B 116 -14.75 3.93 -17.21
CA PHE B 116 -13.98 4.05 -18.44
C PHE B 116 -14.68 3.42 -19.63
N ASP B 117 -15.97 3.09 -19.49
CA ASP B 117 -16.78 2.54 -20.57
C ASP B 117 -16.12 1.31 -21.19
N LEU B 118 -15.93 0.29 -20.37
CA LEU B 118 -15.27 -0.94 -20.78
C LEU B 118 -16.27 -2.09 -20.74
N ASP B 119 -16.28 -2.89 -21.79
CA ASP B 119 -17.13 -4.08 -21.84
C ASP B 119 -16.59 -5.12 -20.87
N PRO B 120 -17.39 -5.59 -19.90
CA PRO B 120 -16.90 -6.63 -18.97
C PRO B 120 -16.54 -7.93 -19.67
N ALA B 121 -16.79 -8.02 -20.97
CA ALA B 121 -16.35 -9.15 -21.77
C ALA B 121 -15.01 -8.92 -22.45
N GLN B 122 -14.62 -7.66 -22.64
CA GLN B 122 -13.34 -7.33 -23.25
C GLN B 122 -12.30 -6.84 -22.25
N TRP B 123 -12.72 -6.40 -21.06
CA TRP B 123 -11.81 -5.79 -20.11
C TRP B 123 -12.07 -6.32 -18.71
N GLY B 124 -10.98 -6.53 -17.97
CA GLY B 124 -11.03 -6.81 -16.55
C GLY B 124 -10.24 -5.77 -15.78
N VAL B 125 -10.29 -5.90 -14.46
CA VAL B 125 -9.62 -4.93 -13.59
C VAL B 125 -9.25 -5.61 -12.29
N ASN B 126 -8.09 -5.23 -11.74
CA ASN B 126 -7.70 -5.56 -10.38
C ASN B 126 -7.73 -4.28 -9.55
N VAL B 127 -8.51 -4.29 -8.47
CA VAL B 127 -8.71 -3.12 -7.64
C VAL B 127 -7.93 -3.23 -6.33
N GLN B 128 -6.94 -4.12 -6.28
CA GLN B 128 -6.19 -4.43 -5.07
C GLN B 128 -4.81 -3.78 -4.95
N PRO B 129 -4.14 -3.36 -6.03
CA PRO B 129 -2.83 -2.69 -5.88
C PRO B 129 -2.86 -1.59 -4.83
N TYR B 130 -1.86 -1.61 -3.94
CA TYR B 130 -1.84 -0.70 -2.81
C TYR B 130 -1.71 0.75 -3.26
N SER B 131 -0.97 0.99 -4.33
CA SER B 131 -0.82 2.33 -4.88
C SER B 131 -0.46 2.18 -6.36
N GLY B 132 -0.02 3.29 -6.96
CA GLY B 132 0.32 3.25 -8.38
C GLY B 132 1.63 2.52 -8.66
N SER B 133 2.65 2.77 -7.84
CA SER B 133 3.92 2.06 -8.00
C SER B 133 3.77 0.55 -7.84
N PRO B 134 3.06 0.02 -6.84
CA PRO B 134 2.86 -1.44 -6.80
C PRO B 134 2.03 -1.95 -7.96
N ALA B 135 1.20 -1.12 -8.58
CA ALA B 135 0.41 -1.56 -9.72
C ALA B 135 1.30 -1.84 -10.93
N ASN B 136 2.35 -1.04 -11.12
CA ASN B 136 3.25 -1.25 -12.25
C ASN B 136 4.17 -2.44 -12.00
N LEU B 137 4.63 -2.63 -10.77
CA LEU B 137 5.47 -3.79 -10.47
C LEU B 137 4.70 -5.09 -10.62
N ALA B 138 3.39 -5.06 -10.37
CA ALA B 138 2.60 -6.28 -10.45
C ALA B 138 2.49 -6.78 -11.88
N VAL B 139 2.14 -5.90 -12.82
CA VAL B 139 1.96 -6.32 -14.20
C VAL B 139 3.27 -6.81 -14.80
N TYR B 140 4.40 -6.21 -14.40
CA TYR B 140 5.70 -6.72 -14.85
C TYR B 140 5.90 -8.16 -14.39
N THR B 141 5.73 -8.42 -13.09
CA THR B 141 5.83 -9.77 -12.57
C THR B 141 4.82 -10.70 -13.22
N ALA B 142 3.69 -10.16 -13.65
CA ALA B 142 2.65 -10.98 -14.28
C ALA B 142 3.09 -11.48 -15.64
N LEU B 143 3.55 -10.59 -16.51
CA LEU B 143 3.79 -10.91 -17.91
C LEU B 143 5.27 -11.09 -18.25
N LEU B 144 6.18 -10.76 -17.33
CA LEU B 144 7.60 -10.81 -17.63
C LEU B 144 8.34 -11.71 -16.66
N GLN B 145 9.52 -12.14 -17.08
CA GLN B 145 10.50 -12.83 -16.26
C GLN B 145 11.54 -11.84 -15.77
N PRO B 146 12.28 -12.18 -14.71
CA PRO B 146 13.37 -11.30 -14.28
C PRO B 146 14.35 -11.03 -15.40
N HIS B 147 14.78 -9.77 -15.50
CA HIS B 147 15.71 -9.27 -16.50
C HIS B 147 15.13 -9.29 -17.91
N ASP B 148 13.80 -9.29 -18.03
CA ASP B 148 13.18 -9.10 -19.34
C ASP B 148 13.25 -7.62 -19.72
N ARG B 149 13.17 -7.38 -21.02
CA ARG B 149 13.38 -6.03 -21.55
C ARG B 149 12.10 -5.22 -21.48
N ILE B 150 12.19 -4.03 -20.88
CA ILE B 150 11.10 -3.05 -20.85
C ILE B 150 11.62 -1.73 -21.37
N MET B 151 10.69 -0.87 -21.78
CA MET B 151 11.01 0.45 -22.33
C MET B 151 10.00 1.46 -21.83
N GLY B 152 10.49 2.50 -21.15
CA GLY B 152 9.65 3.57 -20.68
C GLY B 152 10.26 4.92 -20.98
N LEU B 153 9.46 5.97 -20.78
CA LEU B 153 9.95 7.32 -20.95
C LEU B 153 10.95 7.66 -19.86
N ASP B 154 12.05 8.29 -20.26
CA ASP B 154 13.08 8.67 -19.29
C ASP B 154 12.54 9.68 -18.29
N LEU B 155 12.99 9.56 -17.05
CA LEU B 155 12.51 10.47 -16.00
C LEU B 155 12.79 11.94 -16.31
N PRO B 156 13.99 12.34 -16.76
CA PRO B 156 14.17 13.74 -17.18
C PRO B 156 13.29 14.14 -18.35
N ASP B 157 12.83 13.18 -19.15
CA ASP B 157 11.95 13.46 -20.28
C ASP B 157 10.48 13.46 -19.88
N GLY B 158 10.13 12.96 -18.70
CA GLY B 158 8.76 13.02 -18.24
C GLY B 158 8.18 11.69 -17.78
N GLY B 159 9.02 10.65 -17.73
CA GLY B 159 8.55 9.35 -17.29
C GLY B 159 8.68 9.15 -15.79
N HIS B 160 7.88 8.23 -15.27
CA HIS B 160 7.90 7.93 -13.84
C HIS B 160 9.05 6.98 -13.51
N LEU B 161 9.35 6.88 -12.20
CA LEU B 161 10.33 5.91 -11.75
C LEU B 161 9.95 4.49 -12.16
N THR B 162 8.69 4.13 -11.97
CA THR B 162 8.18 2.80 -12.24
C THR B 162 8.28 2.38 -13.70
N HIS B 163 8.74 3.26 -14.59
CA HIS B 163 8.91 2.94 -16.00
C HIS B 163 10.33 2.49 -16.31
N GLY B 164 11.06 1.97 -15.33
CA GLY B 164 12.41 1.48 -15.55
C GLY B 164 13.45 2.58 -15.64
N TYR B 165 13.41 3.53 -14.71
CA TYR B 165 14.37 4.63 -14.73
C TYR B 165 15.74 4.14 -14.29
N MET B 166 16.70 4.16 -15.22
CA MET B 166 18.08 3.79 -14.91
C MET B 166 18.99 4.97 -15.20
N SER B 167 20.02 5.12 -14.37
CA SER B 167 20.98 6.19 -14.50
C SER B 167 22.31 5.67 -15.03
N ASP B 168 23.21 6.60 -15.35
CA ASP B 168 24.56 6.23 -15.69
C ASP B 168 25.37 5.81 -14.46
N VAL B 169 24.87 6.10 -13.26
CA VAL B 169 25.65 5.85 -12.04
C VAL B 169 25.09 4.68 -11.25
N LYS B 170 23.78 4.43 -11.35
CA LYS B 170 23.16 3.49 -10.42
C LYS B 170 21.78 3.09 -10.95
N ARG B 171 21.31 1.94 -10.48
CA ARG B 171 19.93 1.51 -10.69
C ARG B 171 19.06 2.10 -9.60
N ILE B 172 17.96 2.74 -9.99
CA ILE B 172 17.14 3.50 -9.06
C ILE B 172 15.85 2.73 -8.75
N SER B 173 14.95 2.66 -9.72
CA SER B 173 13.69 1.97 -9.50
C SER B 173 13.90 0.46 -9.52
N ALA B 174 13.14 -0.24 -8.68
CA ALA B 174 13.18 -1.70 -8.70
C ALA B 174 12.73 -2.26 -10.04
N THR B 175 11.96 -1.48 -10.81
CA THR B 175 11.60 -1.89 -12.17
C THR B 175 12.82 -1.98 -13.07
N SER B 176 13.87 -1.23 -12.75
CA SER B 176 15.13 -1.30 -13.49
C SER B 176 16.14 -2.26 -12.88
N ILE B 177 15.87 -2.78 -11.68
CA ILE B 177 16.75 -3.75 -11.04
C ILE B 177 16.30 -5.15 -11.41
N PHE B 178 15.04 -5.47 -11.12
CA PHE B 178 14.50 -6.79 -11.42
C PHE B 178 14.20 -6.97 -12.90
N PHE B 179 14.26 -5.91 -13.70
CA PHE B 179 14.04 -6.01 -15.13
C PHE B 179 15.03 -5.10 -15.85
N GLU B 180 15.37 -5.47 -17.08
CA GLU B 180 16.32 -4.70 -17.88
C GLU B 180 15.56 -3.62 -18.64
N SER B 181 15.96 -2.37 -18.43
CA SER B 181 15.22 -1.21 -18.93
C SER B 181 16.12 -0.35 -19.81
N MET B 182 15.54 0.13 -20.92
CA MET B 182 16.19 1.11 -21.79
C MET B 182 15.18 2.21 -22.05
N PRO B 183 15.48 3.46 -21.73
CA PRO B 183 14.50 4.53 -21.88
C PRO B 183 14.44 5.07 -23.29
N TYR B 184 13.24 5.46 -23.70
CA TYR B 184 13.06 6.25 -24.92
C TYR B 184 12.91 7.72 -24.54
N LYS B 185 13.38 8.58 -25.43
CA LYS B 185 13.56 9.99 -25.10
C LYS B 185 12.58 10.86 -25.89
N LEU B 186 12.64 12.16 -25.61
CA LEU B 186 11.87 13.18 -26.30
C LEU B 186 12.70 13.80 -27.41
N ASN B 187 12.01 14.45 -28.35
CA ASN B 187 12.69 15.26 -29.34
C ASN B 187 13.04 16.59 -28.70
N PRO B 188 14.33 16.91 -28.52
CA PRO B 188 14.69 18.14 -27.81
C PRO B 188 14.25 19.41 -28.54
N LYS B 189 14.03 19.34 -29.85
CA LYS B 189 13.61 20.50 -30.62
C LYS B 189 12.10 20.71 -30.61
N THR B 190 11.32 19.64 -30.42
CA THR B 190 9.88 19.73 -30.42
C THR B 190 9.25 19.63 -29.03
N GLY B 191 9.94 19.00 -28.09
CA GLY B 191 9.38 18.78 -26.77
C GLY B 191 8.39 17.65 -26.69
N LEU B 192 8.25 16.86 -27.74
CA LEU B 192 7.32 15.74 -27.78
C LEU B 192 8.09 14.43 -27.83
N ILE B 193 7.37 13.34 -27.58
CA ILE B 193 7.98 12.01 -27.59
C ILE B 193 8.53 11.72 -28.98
N ASP B 194 9.80 11.31 -29.03
CA ASP B 194 10.44 10.96 -30.30
C ASP B 194 9.97 9.58 -30.71
N TYR B 195 8.81 9.54 -31.37
CA TYR B 195 8.23 8.26 -31.79
C TYR B 195 9.10 7.56 -32.82
N ASN B 196 9.86 8.31 -33.61
CA ASN B 196 10.71 7.70 -34.62
C ASN B 196 11.96 7.08 -34.00
N GLN B 197 12.58 7.78 -33.03
CA GLN B 197 13.71 7.19 -32.32
C GLN B 197 13.27 5.98 -31.52
N LEU B 198 12.06 6.01 -30.96
CA LEU B 198 11.52 4.84 -30.28
C LEU B 198 11.32 3.69 -31.26
N ALA B 199 10.84 3.99 -32.47
CA ALA B 199 10.53 2.95 -33.43
C ALA B 199 11.77 2.16 -33.83
N LEU B 200 12.94 2.80 -33.84
CA LEU B 200 14.17 2.13 -34.22
C LEU B 200 14.85 1.45 -33.03
N THR B 201 14.91 2.12 -31.88
CA THR B 201 15.56 1.53 -30.71
C THR B 201 14.80 0.30 -30.22
N ALA B 202 13.50 0.22 -30.49
CA ALA B 202 12.74 -0.96 -30.10
C ALA B 202 13.16 -2.17 -30.91
N ARG B 203 13.36 -2.00 -32.21
CA ARG B 203 13.81 -3.11 -33.05
C ARG B 203 15.19 -3.60 -32.66
N LEU B 204 15.99 -2.78 -31.99
CA LEU B 204 17.32 -3.17 -31.53
C LEU B 204 17.29 -3.71 -30.11
N PHE B 205 16.60 -3.01 -29.21
CA PHE B 205 16.49 -3.47 -27.82
C PHE B 205 15.62 -4.71 -27.70
N ARG B 206 14.72 -4.95 -28.66
CA ARG B 206 13.80 -6.08 -28.63
C ARG B 206 13.09 -6.19 -27.29
N PRO B 207 12.31 -5.18 -26.90
CA PRO B 207 11.64 -5.23 -25.61
C PRO B 207 10.45 -6.18 -25.65
N ARG B 208 10.00 -6.57 -24.45
CA ARG B 208 8.79 -7.37 -24.34
C ARG B 208 7.61 -6.55 -23.81
N LEU B 209 7.84 -5.36 -23.28
CA LEU B 209 6.75 -4.49 -22.87
C LEU B 209 7.22 -3.04 -22.93
N ILE B 210 6.37 -2.17 -23.46
CA ILE B 210 6.64 -0.74 -23.55
C ILE B 210 5.53 0.01 -22.82
N ILE B 211 5.90 1.01 -22.05
CA ILE B 211 4.98 1.75 -21.20
C ILE B 211 4.68 3.09 -21.87
N ALA B 212 3.41 3.37 -22.09
CA ALA B 212 2.97 4.68 -22.58
C ALA B 212 2.50 5.55 -21.41
N GLY B 213 3.41 5.75 -20.46
CA GLY B 213 3.12 6.51 -19.26
C GLY B 213 3.69 7.92 -19.32
N THR B 214 3.28 8.73 -18.35
CA THR B 214 3.64 10.14 -18.35
C THR B 214 3.55 10.70 -16.94
N SER B 215 4.62 11.34 -16.49
CA SER B 215 4.61 12.11 -15.26
C SER B 215 4.83 13.60 -15.51
N ALA B 216 5.26 13.98 -16.70
CA ALA B 216 5.51 15.39 -17.01
C ALA B 216 5.52 15.51 -18.54
N TYR B 217 4.33 15.65 -19.12
CA TYR B 217 4.16 15.72 -20.57
C TYR B 217 2.77 16.27 -20.88
N ALA B 218 2.70 17.53 -21.29
CA ALA B 218 1.44 18.26 -21.38
C ALA B 218 0.67 18.00 -22.66
N ARG B 219 1.06 17.03 -23.47
CA ARG B 219 0.34 16.71 -24.70
C ARG B 219 -0.04 15.24 -24.71
N LEU B 220 -0.86 14.86 -25.69
CA LEU B 220 -1.39 13.51 -25.76
C LEU B 220 -0.35 12.55 -26.35
N ILE B 221 -0.50 11.27 -26.00
CA ILE B 221 0.40 10.22 -26.45
C ILE B 221 -0.27 9.44 -27.57
N ASP B 222 0.43 9.31 -28.71
CA ASP B 222 -0.10 8.57 -29.85
C ASP B 222 -0.10 7.09 -29.50
N TYR B 223 -1.16 6.67 -28.80
CA TYR B 223 -1.30 5.26 -28.44
C TYR B 223 -1.42 4.37 -29.67
N ALA B 224 -1.94 4.93 -30.77
CA ALA B 224 -1.96 4.18 -32.02
C ALA B 224 -0.55 3.94 -32.54
N ARG B 225 0.32 4.95 -32.43
CA ARG B 225 1.71 4.79 -32.85
C ARG B 225 2.52 3.93 -31.90
N MET B 226 2.07 3.78 -30.65
CA MET B 226 2.75 2.90 -29.72
C MET B 226 2.31 1.45 -29.87
N ARG B 227 1.03 1.23 -30.18
CA ARG B 227 0.62 -0.10 -30.64
C ARG B 227 1.33 -0.46 -31.94
N GLU B 228 1.57 0.55 -32.78
CA GLU B 228 2.38 0.36 -33.98
C GLU B 228 3.71 -0.29 -33.65
N VAL B 229 4.43 0.26 -32.67
CA VAL B 229 5.76 -0.23 -32.33
C VAL B 229 5.67 -1.54 -31.55
N CYS B 230 4.68 -1.66 -30.64
CA CYS B 230 4.59 -2.85 -29.80
C CYS B 230 4.21 -4.07 -30.62
N ASP B 231 3.37 -3.89 -31.64
CA ASP B 231 3.00 -5.03 -32.49
C ASP B 231 4.14 -5.47 -33.39
N GLU B 232 5.03 -4.54 -33.75
CA GLU B 232 6.14 -4.89 -34.63
C GLU B 232 7.24 -5.64 -33.89
N VAL B 233 7.59 -5.20 -32.69
CA VAL B 233 8.64 -5.85 -31.90
C VAL B 233 8.01 -6.93 -31.03
N LYS B 234 6.73 -7.20 -31.24
CA LYS B 234 5.99 -8.24 -30.52
C LYS B 234 6.09 -8.02 -29.01
N ALA B 235 5.78 -6.81 -28.57
CA ALA B 235 5.82 -6.44 -27.17
C ALA B 235 4.45 -6.01 -26.70
N HIS B 236 4.27 -6.00 -25.38
CA HIS B 236 3.03 -5.53 -24.78
C HIS B 236 3.00 -4.01 -24.73
N LEU B 237 1.80 -3.46 -24.82
CA LEU B 237 1.59 -2.01 -24.70
C LEU B 237 0.77 -1.75 -23.44
N LEU B 238 1.43 -1.26 -22.40
CA LEU B 238 0.79 -0.92 -21.14
C LEU B 238 0.71 0.60 -21.01
N ALA B 239 -0.50 1.11 -20.77
CA ALA B 239 -0.72 2.53 -20.60
C ALA B 239 -0.77 2.87 -19.11
N ASP B 240 0.04 3.85 -18.72
CA ASP B 240 0.07 4.36 -17.34
C ASP B 240 -0.61 5.72 -17.34
N MET B 241 -1.94 5.70 -17.33
CA MET B 241 -2.73 6.93 -17.34
C MET B 241 -2.96 7.49 -15.95
N ALA B 242 -2.04 7.24 -15.01
CA ALA B 242 -2.24 7.67 -13.63
C ALA B 242 -2.47 9.17 -13.53
N HIS B 243 -1.75 9.96 -14.33
CA HIS B 243 -1.89 11.42 -14.29
C HIS B 243 -3.11 11.93 -15.02
N ILE B 244 -3.67 11.16 -15.95
CA ILE B 244 -4.72 11.64 -16.84
C ILE B 244 -5.93 10.73 -16.76
N SER B 245 -6.05 9.97 -15.69
CA SER B 245 -7.01 8.88 -15.64
C SER B 245 -8.45 9.38 -15.53
N GLY B 246 -8.69 10.45 -14.77
CA GLY B 246 -10.02 11.04 -14.75
C GLY B 246 -10.36 11.80 -16.02
N LEU B 247 -9.35 12.34 -16.70
CA LEU B 247 -9.56 12.94 -18.01
C LEU B 247 -9.96 11.87 -19.03
N VAL B 248 -9.48 10.64 -18.85
CA VAL B 248 -9.91 9.54 -19.69
C VAL B 248 -11.26 9.02 -19.23
N ALA B 249 -11.50 9.00 -17.92
CA ALA B 249 -12.79 8.55 -17.40
C ALA B 249 -13.92 9.47 -17.83
N ALA B 250 -13.65 10.78 -17.87
CA ALA B 250 -14.65 11.75 -18.30
C ALA B 250 -14.79 11.82 -19.81
N LYS B 251 -14.08 10.98 -20.55
CA LYS B 251 -14.16 10.92 -22.01
C LYS B 251 -13.87 12.28 -22.64
N VAL B 252 -12.87 12.98 -22.10
CA VAL B 252 -12.41 14.24 -22.68
C VAL B 252 -11.32 13.92 -23.69
N ILE B 253 -10.11 13.68 -23.20
CA ILE B 253 -8.99 13.28 -24.04
C ILE B 253 -9.25 11.85 -24.52
N PRO B 254 -8.65 11.40 -25.62
CA PRO B 254 -8.88 10.03 -26.09
C PRO B 254 -8.46 9.00 -25.05
N SER B 255 -9.09 7.83 -25.14
CA SER B 255 -8.89 6.76 -24.17
C SER B 255 -7.81 5.80 -24.66
N PRO B 256 -6.85 5.42 -23.81
CA PRO B 256 -5.84 4.43 -24.23
C PRO B 256 -6.36 3.01 -24.35
N PHE B 257 -7.58 2.74 -23.88
CA PHE B 257 -8.11 1.39 -23.87
C PHE B 257 -8.39 0.86 -25.28
N LYS B 258 -8.37 1.72 -26.30
CA LYS B 258 -8.55 1.23 -27.66
C LYS B 258 -7.37 0.36 -28.09
N HIS B 259 -6.16 0.72 -27.66
CA HIS B 259 -4.94 0.08 -28.12
C HIS B 259 -4.23 -0.73 -27.05
N ALA B 260 -4.05 -0.17 -25.86
CA ALA B 260 -3.25 -0.83 -24.82
C ALA B 260 -3.86 -2.17 -24.45
N ASP B 261 -3.01 -3.21 -24.45
CA ASP B 261 -3.45 -4.51 -23.96
C ASP B 261 -3.69 -4.49 -22.46
N ILE B 262 -2.89 -3.70 -21.73
CA ILE B 262 -2.99 -3.56 -20.28
C ILE B 262 -2.94 -2.07 -19.96
N VAL B 263 -3.65 -1.68 -18.91
CA VAL B 263 -3.71 -0.29 -18.47
C VAL B 263 -3.63 -0.26 -16.95
N THR B 264 -2.63 0.46 -16.42
CA THR B 264 -2.47 0.65 -14.99
C THR B 264 -2.68 2.12 -14.64
N THR B 265 -3.06 2.37 -13.39
CA THR B 265 -3.56 3.69 -13.00
C THR B 265 -3.47 3.82 -11.48
N THR B 266 -3.25 5.06 -11.03
CA THR B 266 -3.42 5.39 -9.63
C THR B 266 -4.84 5.90 -9.38
N THR B 267 -5.37 5.57 -8.22
CA THR B 267 -6.76 5.92 -7.92
C THR B 267 -6.92 7.38 -7.53
N HIS B 268 -5.85 8.06 -7.14
CA HIS B 268 -5.93 9.48 -6.84
C HIS B 268 -5.63 10.29 -8.09
N LYS B 269 -4.90 11.38 -7.92
CA LYS B 269 -4.48 12.26 -9.05
C LYS B 269 -5.74 12.81 -9.75
N THR B 270 -5.96 12.47 -11.01
CA THR B 270 -7.07 13.04 -11.76
C THR B 270 -8.43 12.49 -11.32
N LEU B 271 -8.49 11.25 -10.81
CA LEU B 271 -9.79 10.74 -10.38
C LEU B 271 -10.24 11.27 -9.03
N ARG B 272 -9.35 11.93 -8.28
CA ARG B 272 -9.74 12.53 -7.00
C ARG B 272 -10.25 11.48 -6.02
N GLY B 273 -9.53 10.37 -5.93
CA GLY B 273 -9.91 9.30 -5.02
C GLY B 273 -8.85 9.02 -3.97
N ALA B 274 -9.02 7.96 -3.21
CA ALA B 274 -8.01 7.58 -2.23
C ALA B 274 -6.76 7.08 -2.94
N ARG B 275 -5.71 6.85 -2.16
CA ARG B 275 -4.44 6.41 -2.71
C ARG B 275 -4.45 4.89 -2.85
N SER B 276 -4.58 4.42 -4.09
CA SER B 276 -4.57 2.99 -4.40
C SER B 276 -4.14 2.83 -5.85
N GLY B 277 -4.37 1.65 -6.41
CA GLY B 277 -3.98 1.37 -7.79
C GLY B 277 -5.00 0.52 -8.49
N LEU B 278 -4.88 0.50 -9.83
CA LEU B 278 -5.75 -0.29 -10.67
C LEU B 278 -4.94 -0.87 -11.82
N ILE B 279 -5.31 -2.07 -12.26
CA ILE B 279 -4.66 -2.74 -13.38
C ILE B 279 -5.77 -3.26 -14.29
N PHE B 280 -6.04 -2.54 -15.37
CA PHE B 280 -6.99 -2.99 -16.39
C PHE B 280 -6.26 -3.87 -17.41
N TYR B 281 -6.89 -4.98 -17.78
CA TYR B 281 -6.28 -5.93 -18.70
C TYR B 281 -7.30 -6.41 -19.72
N ARG B 282 -6.86 -6.55 -20.96
CA ARG B 282 -7.71 -7.10 -22.00
C ARG B 282 -7.93 -8.59 -21.75
N LYS B 283 -9.19 -9.02 -21.80
CA LYS B 283 -9.53 -10.43 -21.65
C LYS B 283 -10.56 -10.81 -22.70
N GLY B 284 -10.50 -12.07 -23.12
CA GLY B 284 -11.38 -12.56 -24.16
C GLY B 284 -10.65 -13.32 -25.25
N VAL B 285 -10.64 -12.76 -26.46
CA VAL B 285 -10.01 -13.39 -27.61
C VAL B 285 -8.98 -12.43 -28.19
N LYS B 286 -7.74 -12.91 -28.30
CA LYS B 286 -6.70 -12.14 -28.98
C LYS B 286 -6.97 -12.13 -30.48
N ALA B 287 -6.45 -13.13 -31.18
CA ALA B 287 -6.74 -13.31 -32.60
C ALA B 287 -7.32 -14.69 -32.83
N VAL B 288 -7.28 -15.16 -34.07
CA VAL B 288 -7.75 -16.49 -34.42
C VAL B 288 -7.15 -16.88 -35.76
N ASP B 289 -7.40 -18.12 -36.17
CA ASP B 289 -6.91 -18.62 -37.44
C ASP B 289 -7.60 -19.94 -37.76
N PRO B 290 -7.99 -20.11 -39.02
CA PRO B 290 -8.45 -21.41 -39.48
C PRO B 290 -7.34 -22.45 -39.43
N LYS B 291 -6.08 -22.01 -39.47
CA LYS B 291 -4.96 -22.93 -39.25
C LYS B 291 -4.78 -23.27 -37.78
N THR B 292 -5.05 -22.32 -36.88
CA THR B 292 -5.00 -22.58 -35.46
C THR B 292 -6.19 -23.39 -34.97
N GLY B 293 -7.20 -23.62 -35.81
CA GLY B 293 -8.36 -24.38 -35.42
C GLY B 293 -9.46 -23.52 -34.82
N ARG B 294 -9.16 -22.88 -33.69
CA ARG B 294 -10.13 -22.04 -33.01
C ARG B 294 -9.60 -20.62 -32.82
N GLU B 295 -9.65 -20.13 -31.59
CA GLU B 295 -9.26 -18.76 -31.27
C GLU B 295 -8.18 -18.76 -30.19
N ILE B 296 -7.27 -17.81 -30.30
CA ILE B 296 -6.22 -17.61 -29.31
C ILE B 296 -6.74 -16.62 -28.27
N PRO B 297 -6.89 -17.02 -27.01
CA PRO B 297 -7.50 -16.14 -26.01
C PRO B 297 -6.51 -15.22 -25.32
N TYR B 298 -7.02 -14.08 -24.86
CA TYR B 298 -6.24 -13.18 -24.02
C TYR B 298 -5.97 -13.86 -22.68
N THR B 299 -4.69 -14.04 -22.35
CA THR B 299 -4.33 -14.70 -21.10
C THR B 299 -3.66 -13.75 -20.13
N PHE B 300 -4.27 -12.58 -19.91
CA PHE B 300 -3.73 -11.60 -18.97
C PHE B 300 -4.39 -11.67 -17.60
N GLU B 301 -5.62 -12.16 -17.52
CA GLU B 301 -6.39 -12.06 -16.28
C GLU B 301 -5.71 -12.83 -15.14
N ASP B 302 -5.50 -14.12 -15.32
CA ASP B 302 -4.93 -14.94 -14.26
C ASP B 302 -3.50 -14.53 -13.92
N ARG B 303 -2.74 -14.08 -14.92
CA ARG B 303 -1.38 -13.63 -14.65
C ARG B 303 -1.37 -12.35 -13.83
N ILE B 304 -2.22 -11.38 -14.18
CA ILE B 304 -2.28 -10.13 -13.44
C ILE B 304 -2.72 -10.38 -12.00
N ASN B 305 -3.80 -11.14 -11.83
CA ASN B 305 -4.34 -11.36 -10.49
C ASN B 305 -3.36 -12.11 -9.60
N PHE B 306 -2.74 -13.17 -10.15
CA PHE B 306 -1.77 -13.93 -9.36
C PHE B 306 -0.57 -13.08 -8.97
N ALA B 307 -0.19 -12.12 -9.80
CA ALA B 307 0.98 -11.29 -9.50
C ALA B 307 0.70 -10.39 -8.31
N VAL B 308 -0.50 -9.84 -8.20
CA VAL B 308 -0.85 -9.00 -7.05
C VAL B 308 -0.90 -9.85 -5.78
N PHE B 309 -1.67 -10.94 -5.82
CA PHE B 309 -1.73 -11.90 -4.72
C PHE B 309 -1.81 -13.27 -5.37
N PRO B 310 -1.02 -14.25 -4.90
CA PRO B 310 -0.17 -14.22 -3.70
C PRO B 310 1.29 -13.86 -3.94
N SER B 311 1.61 -13.26 -5.09
CA SER B 311 3.02 -13.05 -5.42
C SER B 311 3.62 -11.90 -4.63
N LEU B 312 3.13 -10.67 -4.86
CA LEU B 312 3.78 -9.48 -4.32
C LEU B 312 3.09 -8.92 -3.08
N GLN B 313 1.77 -8.83 -3.08
CA GLN B 313 1.04 -8.25 -1.97
C GLN B 313 0.46 -9.35 -1.08
N GLY B 314 -0.25 -8.92 -0.03
CA GLY B 314 -0.90 -9.85 0.87
C GLY B 314 -2.34 -9.46 1.13
N GLY B 315 -2.64 -9.08 2.36
CA GLY B 315 -3.97 -8.66 2.72
C GLY B 315 -4.35 -7.36 2.04
N PRO B 316 -5.45 -7.37 1.31
CA PRO B 316 -5.88 -6.16 0.60
C PRO B 316 -6.34 -5.07 1.57
N HIS B 317 -6.18 -3.83 1.13
CA HIS B 317 -6.68 -2.68 1.89
C HIS B 317 -8.07 -2.31 1.37
N ASN B 318 -9.04 -3.16 1.71
CA ASN B 318 -10.41 -2.97 1.22
C ASN B 318 -11.06 -1.71 1.78
N HIS B 319 -10.48 -1.08 2.80
CA HIS B 319 -10.95 0.24 3.19
C HIS B 319 -10.57 1.28 2.14
N ALA B 320 -9.43 1.09 1.47
CA ALA B 320 -9.10 1.93 0.33
C ALA B 320 -9.89 1.51 -0.91
N ILE B 321 -10.05 0.20 -1.13
CA ILE B 321 -10.84 -0.28 -2.25
C ILE B 321 -12.25 0.28 -2.20
N ALA B 322 -12.81 0.39 -1.00
CA ALA B 322 -14.14 1.00 -0.87
C ALA B 322 -14.10 2.48 -1.22
N ALA B 323 -13.05 3.19 -0.78
CA ALA B 323 -12.94 4.61 -1.07
C ALA B 323 -12.74 4.89 -2.54
N VAL B 324 -12.01 4.02 -3.24
CA VAL B 324 -11.83 4.24 -4.68
C VAL B 324 -13.10 3.82 -5.43
N ALA B 325 -13.88 2.89 -4.89
CA ALA B 325 -15.19 2.60 -5.46
C ALA B 325 -16.11 3.79 -5.30
N VAL B 326 -15.97 4.54 -4.20
CA VAL B 326 -16.77 5.74 -4.00
C VAL B 326 -16.45 6.79 -5.07
N ALA B 327 -15.16 7.09 -5.24
CA ALA B 327 -14.75 8.06 -6.25
C ALA B 327 -14.94 7.54 -7.67
N LEU B 328 -14.97 6.23 -7.86
CA LEU B 328 -15.23 5.69 -9.19
C LEU B 328 -16.68 5.93 -9.61
N LYS B 329 -17.62 5.84 -8.66
CA LYS B 329 -19.00 6.17 -8.96
C LYS B 329 -19.14 7.66 -9.24
N GLN B 330 -18.36 8.50 -8.55
CA GLN B 330 -18.38 9.93 -8.84
C GLN B 330 -17.82 10.22 -10.22
N ALA B 331 -16.95 9.34 -10.74
CA ALA B 331 -16.34 9.57 -12.04
C ALA B 331 -17.32 9.39 -13.19
N CYS B 332 -18.43 8.68 -12.97
CA CYS B 332 -19.44 8.48 -13.99
C CYS B 332 -20.51 9.58 -13.98
N THR B 333 -20.45 10.50 -13.04
CA THR B 333 -21.48 11.52 -12.90
C THR B 333 -21.25 12.65 -13.91
N PRO B 334 -22.33 13.35 -14.30
CA PRO B 334 -22.16 14.54 -15.14
C PRO B 334 -21.37 15.65 -14.45
N MET B 335 -21.28 15.60 -13.11
CA MET B 335 -20.49 16.60 -12.39
C MET B 335 -19.00 16.42 -12.65
N PHE B 336 -18.54 15.17 -12.69
CA PHE B 336 -17.11 14.91 -12.88
C PHE B 336 -16.63 15.40 -14.23
N ARG B 337 -17.41 15.13 -15.29
CA ARG B 337 -17.06 15.65 -16.61
C ARG B 337 -17.03 17.17 -16.62
N GLU B 338 -17.95 17.79 -15.88
CA GLU B 338 -17.92 19.25 -15.73
C GLU B 338 -16.67 19.69 -15.00
N TYR B 339 -16.34 19.02 -13.90
CA TYR B 339 -15.10 19.31 -13.19
C TYR B 339 -13.89 19.02 -14.07
N SER B 340 -13.93 17.91 -14.80
CA SER B 340 -12.78 17.52 -15.63
C SER B 340 -12.52 18.56 -16.73
N LEU B 341 -13.56 18.95 -17.46
CA LEU B 341 -13.40 19.93 -18.53
C LEU B 341 -12.80 21.23 -18.01
N GLN B 342 -13.14 21.62 -16.78
CA GLN B 342 -12.57 22.84 -16.21
C GLN B 342 -11.07 22.71 -15.98
N VAL B 343 -10.59 21.48 -15.73
CA VAL B 343 -9.17 21.26 -15.53
C VAL B 343 -8.40 21.61 -16.81
N LEU B 344 -8.87 21.10 -17.96
CA LEU B 344 -8.23 21.44 -19.22
C LEU B 344 -8.40 22.91 -19.55
N LYS B 345 -9.58 23.48 -19.25
CA LYS B 345 -9.79 24.90 -19.48
C LYS B 345 -8.88 25.74 -18.60
N ASN B 346 -8.63 25.29 -17.36
CA ASN B 346 -7.68 25.97 -16.50
C ASN B 346 -6.24 25.71 -16.94
N ALA B 347 -5.99 24.58 -17.60
CA ALA B 347 -4.66 24.31 -18.13
C ALA B 347 -4.30 25.32 -19.21
N ARG B 348 -5.18 25.50 -20.19
CA ARG B 348 -4.95 26.53 -21.21
C ARG B 348 -4.93 27.92 -20.58
N ALA B 349 -5.73 28.15 -19.56
CA ALA B 349 -5.72 29.44 -18.87
C ALA B 349 -4.37 29.69 -18.20
N MET B 350 -3.83 28.68 -17.54
CA MET B 350 -2.52 28.84 -16.90
C MET B 350 -1.42 28.93 -17.94
N ALA B 351 -1.54 28.17 -19.04
CA ALA B 351 -0.49 28.17 -20.06
C ALA B 351 -0.45 29.51 -20.80
N ASP B 352 -1.59 29.96 -21.31
CA ASP B 352 -1.62 31.22 -22.06
C ASP B 352 -1.22 32.40 -21.19
N ALA B 353 -1.74 32.45 -19.96
CA ALA B 353 -1.36 33.53 -19.04
C ALA B 353 0.13 33.52 -18.78
N LEU B 354 0.73 32.34 -18.65
CA LEU B 354 2.18 32.26 -18.48
C LEU B 354 2.90 32.68 -19.76
N LEU B 355 2.37 32.29 -20.92
CA LEU B 355 2.97 32.69 -22.18
C LEU B 355 2.90 34.20 -22.36
N GLU B 356 1.78 34.81 -21.99
CA GLU B 356 1.59 36.25 -22.11
C GLU B 356 2.24 37.02 -20.96
N ARG B 357 3.26 36.45 -20.33
CA ARG B 357 4.00 37.13 -19.27
C ARG B 357 5.51 36.90 -19.38
N GLY B 358 5.99 36.30 -20.46
CA GLY B 358 7.41 36.11 -20.66
C GLY B 358 7.92 34.77 -20.21
N TYR B 359 7.13 33.71 -20.41
CA TYR B 359 7.52 32.37 -20.01
C TYR B 359 7.33 31.43 -21.20
N SER B 360 8.40 30.77 -21.61
CA SER B 360 8.31 29.72 -22.60
C SER B 360 7.88 28.42 -21.93
N LEU B 361 7.13 27.62 -22.66
CA LEU B 361 6.63 26.35 -22.16
C LEU B 361 7.11 25.21 -23.04
N VAL B 362 7.44 24.07 -22.41
CA VAL B 362 7.87 22.90 -23.16
C VAL B 362 6.74 22.44 -24.07
N SER B 363 7.05 22.27 -25.35
CA SER B 363 6.12 21.96 -26.43
C SER B 363 5.15 23.11 -26.72
N GLY B 364 5.29 24.25 -26.05
CA GLY B 364 4.45 25.40 -26.31
C GLY B 364 3.00 25.21 -25.95
N GLY B 365 2.69 25.27 -24.66
CA GLY B 365 1.33 25.15 -24.19
C GLY B 365 1.04 23.81 -23.56
N THR B 366 -0.25 23.50 -23.48
CA THR B 366 -0.72 22.28 -22.83
C THR B 366 -1.91 21.72 -23.60
N ASP B 367 -2.18 20.43 -23.38
CA ASP B 367 -3.35 19.79 -23.97
C ASP B 367 -3.97 18.76 -23.02
N ASN B 368 -3.64 18.82 -21.73
CA ASN B 368 -4.25 17.93 -20.76
C ASN B 368 -4.48 18.67 -19.45
N HIS B 369 -3.89 18.18 -18.36
CA HIS B 369 -4.11 18.74 -17.04
C HIS B 369 -2.92 19.52 -16.48
N LEU B 370 -1.71 19.21 -16.93
CA LEU B 370 -0.49 19.83 -16.42
C LEU B 370 0.09 20.78 -17.45
N VAL B 371 0.97 21.66 -16.98
CA VAL B 371 1.71 22.58 -17.84
C VAL B 371 3.19 22.43 -17.53
N LEU B 372 4.02 22.45 -18.57
CA LEU B 372 5.47 22.31 -18.45
C LEU B 372 6.10 23.66 -18.75
N VAL B 373 6.39 24.43 -17.70
CA VAL B 373 7.05 25.70 -17.89
C VAL B 373 8.52 25.48 -18.24
N ASP B 374 9.14 26.50 -18.81
CA ASP B 374 10.58 26.53 -19.06
C ASP B 374 11.10 27.85 -18.51
N LEU B 375 11.77 27.80 -17.37
CA LEU B 375 12.22 29.01 -16.69
C LEU B 375 13.59 29.48 -17.16
N ARG B 376 14.28 28.72 -17.99
CA ARG B 376 15.55 29.20 -18.54
C ARG B 376 15.42 30.54 -19.25
N PRO B 377 14.39 30.81 -20.07
CA PRO B 377 14.25 32.17 -20.63
C PRO B 377 14.05 33.24 -19.56
N LYS B 378 13.14 33.04 -18.61
CA LYS B 378 12.85 34.07 -17.63
C LYS B 378 14.11 34.47 -16.84
N GLY B 379 15.00 33.52 -16.58
CA GLY B 379 16.26 33.83 -15.93
C GLY B 379 16.52 33.02 -14.68
N LEU B 380 15.50 32.30 -14.21
CA LEU B 380 15.60 31.48 -13.02
C LEU B 380 15.58 30.00 -13.41
N ASP B 381 15.69 29.14 -12.41
CA ASP B 381 15.68 27.69 -12.59
C ASP B 381 14.59 27.08 -11.74
N GLY B 382 14.44 25.76 -11.84
CA GLY B 382 13.36 25.09 -11.13
C GLY B 382 13.59 24.99 -9.63
N ALA B 383 14.84 24.79 -9.22
CA ALA B 383 15.13 24.59 -7.80
C ALA B 383 14.93 25.88 -7.01
N ARG B 384 15.40 27.00 -7.55
CA ARG B 384 15.19 28.28 -6.88
C ARG B 384 13.72 28.70 -6.90
N ALA B 385 13.00 28.37 -7.97
CA ALA B 385 11.62 28.82 -8.11
C ALA B 385 10.66 28.01 -7.25
N GLU B 386 10.87 26.69 -7.18
CA GLU B 386 9.96 25.88 -6.38
C GLU B 386 10.14 26.09 -4.89
N ARG B 387 11.28 26.68 -4.48
CA ARG B 387 11.48 27.02 -3.08
C ARG B 387 10.89 28.38 -2.72
N VAL B 388 11.11 29.39 -3.58
CA VAL B 388 10.51 30.70 -3.32
C VAL B 388 9.00 30.60 -3.40
N LEU B 389 8.47 29.73 -4.27
CA LEU B 389 7.02 29.57 -4.39
C LEU B 389 6.47 28.72 -3.25
N GLU B 390 7.23 27.74 -2.78
CA GLU B 390 6.78 26.96 -1.63
C GLU B 390 6.78 27.80 -0.36
N LEU B 391 7.71 28.75 -0.25
CA LEU B 391 7.77 29.67 0.89
C LEU B 391 6.67 30.71 0.87
N VAL B 392 5.74 30.61 -0.07
CA VAL B 392 4.63 31.55 -0.19
C VAL B 392 3.37 30.75 -0.45
N SER B 393 3.33 29.51 0.06
CA SER B 393 2.13 28.66 -0.02
C SER B 393 1.68 28.45 -1.46
N ILE B 394 2.65 28.28 -2.36
CA ILE B 394 2.37 27.94 -3.77
C ILE B 394 3.29 26.77 -4.10
N THR B 395 2.83 25.56 -3.84
CA THR B 395 3.68 24.37 -3.93
C THR B 395 3.68 23.83 -5.36
N ALA B 396 4.87 23.73 -5.94
CA ALA B 396 5.06 23.13 -7.25
C ALA B 396 6.10 22.02 -7.17
N ASN B 397 6.90 21.86 -8.22
CA ASN B 397 7.97 20.86 -8.20
C ASN B 397 8.97 21.16 -9.31
N LYS B 398 10.21 20.73 -9.09
CA LYS B 398 11.24 20.83 -10.11
C LYS B 398 10.87 19.96 -11.31
N ASN B 399 11.42 20.33 -12.47
CA ASN B 399 11.22 19.56 -13.68
C ASN B 399 12.40 19.73 -14.61
N THR B 400 12.86 18.63 -15.19
CA THR B 400 13.96 18.65 -16.14
C THR B 400 13.43 19.02 -17.52
N CYS B 401 13.77 20.22 -17.98
CA CYS B 401 13.29 20.66 -19.28
C CYS B 401 14.27 20.22 -20.38
N PRO B 402 13.75 19.94 -21.57
CA PRO B 402 14.63 19.62 -22.71
C PRO B 402 15.60 20.75 -22.99
N GLY B 403 16.89 20.46 -22.88
CA GLY B 403 17.91 21.46 -23.04
C GLY B 403 18.51 21.99 -21.75
N ASP B 404 18.17 21.40 -20.61
CA ASP B 404 18.77 21.80 -19.34
C ASP B 404 20.27 21.55 -19.36
N ARG B 405 21.06 22.62 -19.48
CA ARG B 405 22.50 22.50 -19.59
C ARG B 405 23.14 21.97 -18.31
N SER B 406 22.32 21.77 -17.28
CA SER B 406 22.79 21.23 -16.02
C SER B 406 21.74 20.29 -15.44
N ALA B 407 22.18 19.12 -14.98
CA ALA B 407 21.29 18.22 -14.26
C ALA B 407 21.15 18.62 -12.80
N ILE B 408 22.15 19.34 -12.27
CA ILE B 408 22.13 19.77 -10.87
C ILE B 408 20.87 20.58 -10.58
N THR B 409 20.73 21.71 -11.30
CA THR B 409 19.60 22.62 -11.10
C THR B 409 18.77 22.67 -12.38
N PRO B 410 17.60 22.03 -12.41
CA PRO B 410 16.79 22.04 -13.63
C PRO B 410 16.13 23.40 -13.83
N GLY B 411 15.88 23.73 -15.10
CA GLY B 411 15.26 24.99 -15.44
C GLY B 411 13.80 24.85 -15.81
N GLY B 412 12.99 24.33 -14.90
CA GLY B 412 11.57 24.18 -15.16
C GLY B 412 10.77 23.62 -14.01
N LEU B 413 9.53 24.10 -13.90
CA LEU B 413 8.55 23.59 -12.94
C LEU B 413 7.48 22.80 -13.67
N ARG B 414 6.55 22.25 -12.90
CA ARG B 414 5.37 21.61 -13.46
C ARG B 414 4.18 21.96 -12.58
N LEU B 415 3.21 22.68 -13.15
CA LEU B 415 2.05 23.14 -12.41
C LEU B 415 0.81 22.41 -12.90
N GLY B 416 -0.04 22.00 -11.97
CA GLY B 416 -1.19 21.15 -12.27
C GLY B 416 -2.50 21.85 -11.96
N ALA B 417 -3.48 21.64 -12.84
CA ALA B 417 -4.83 22.17 -12.69
C ALA B 417 -5.72 21.34 -11.77
N PRO B 418 -5.68 19.99 -11.81
CA PRO B 418 -6.66 19.21 -11.02
C PRO B 418 -6.71 19.55 -9.55
N ALA B 419 -5.61 19.99 -8.95
CA ALA B 419 -5.58 20.24 -7.52
C ALA B 419 -6.53 21.37 -7.14
N LEU B 420 -6.33 22.55 -7.71
CA LEU B 420 -7.15 23.71 -7.33
C LEU B 420 -8.52 23.69 -7.99
N THR B 421 -8.63 23.09 -9.17
CA THR B 421 -9.93 23.03 -9.85
C THR B 421 -10.98 22.32 -8.99
N SER B 422 -10.53 21.40 -8.12
CA SER B 422 -11.44 20.74 -7.18
C SER B 422 -12.01 21.71 -6.16
N ARG B 423 -11.53 22.96 -6.12
CA ARG B 423 -12.07 23.99 -5.24
C ARG B 423 -12.89 25.01 -6.02
N GLN B 424 -13.45 24.60 -7.17
CA GLN B 424 -14.25 25.45 -8.04
C GLN B 424 -13.44 26.65 -8.53
N PHE B 425 -12.38 26.34 -9.28
CA PHE B 425 -11.51 27.35 -9.87
C PHE B 425 -11.86 27.53 -11.33
N ARG B 426 -12.29 28.72 -11.71
CA ARG B 426 -12.58 29.02 -13.11
C ARG B 426 -11.29 29.42 -13.83
N GLU B 427 -11.42 29.76 -15.11
CA GLU B 427 -10.24 30.12 -15.90
C GLU B 427 -9.62 31.42 -15.39
N ASP B 428 -10.46 32.37 -14.97
CA ASP B 428 -9.93 33.63 -14.43
C ASP B 428 -9.28 33.43 -13.07
N ASP B 429 -9.73 32.42 -12.31
CA ASP B 429 -9.10 32.13 -11.03
C ASP B 429 -7.66 31.66 -11.24
N PHE B 430 -7.43 30.79 -12.22
CA PHE B 430 -6.07 30.35 -12.52
C PHE B 430 -5.25 31.46 -13.13
N ARG B 431 -5.88 32.37 -13.88
CA ARG B 431 -5.15 33.45 -14.53
C ARG B 431 -4.55 34.44 -13.54
N ARG B 432 -4.97 34.42 -12.28
CA ARG B 432 -4.33 35.23 -11.26
C ARG B 432 -3.41 34.44 -10.35
N VAL B 433 -3.51 33.10 -10.35
CA VAL B 433 -2.53 32.29 -9.65
C VAL B 433 -1.17 32.45 -10.31
N VAL B 434 -1.15 32.66 -11.63
CA VAL B 434 0.11 32.94 -12.32
C VAL B 434 0.61 34.34 -12.02
N ASP B 435 -0.25 35.23 -11.52
CA ASP B 435 0.21 36.55 -11.12
C ASP B 435 1.11 36.46 -9.89
N PHE B 436 0.70 35.66 -8.90
CA PHE B 436 1.57 35.41 -7.76
C PHE B 436 2.82 34.65 -8.18
N ILE B 437 2.66 33.71 -9.13
CA ILE B 437 3.81 32.98 -9.66
C ILE B 437 4.80 33.94 -10.29
N ASP B 438 4.34 34.77 -11.22
CA ASP B 438 5.22 35.74 -11.87
C ASP B 438 5.85 36.68 -10.85
N GLU B 439 5.08 37.08 -9.83
CA GLU B 439 5.67 37.85 -8.74
C GLU B 439 6.66 37.02 -7.96
N GLY B 440 6.43 35.71 -7.85
CA GLY B 440 7.36 34.86 -7.11
C GLY B 440 8.68 34.69 -7.84
N VAL B 441 8.62 34.41 -9.15
CA VAL B 441 9.85 34.22 -9.92
C VAL B 441 10.65 35.51 -10.00
N ASN B 442 9.96 36.67 -10.04
CA ASN B 442 10.67 37.94 -10.08
C ASN B 442 11.39 38.21 -8.76
N ILE B 443 10.78 37.82 -7.64
CA ILE B 443 11.47 37.89 -6.35
C ILE B 443 12.68 36.97 -6.35
N GLY B 444 12.51 35.74 -6.86
CA GLY B 444 13.63 34.83 -6.96
C GLY B 444 14.66 35.29 -7.97
N LEU B 445 14.25 36.08 -8.96
CA LEU B 445 15.21 36.62 -9.92
C LEU B 445 16.05 37.72 -9.32
N GLU B 446 15.49 38.49 -8.39
CA GLU B 446 16.19 39.60 -7.76
C GLU B 446 17.11 39.15 -6.62
N VAL B 447 17.35 37.85 -6.48
CA VAL B 447 18.23 37.33 -5.45
C VAL B 447 19.22 36.36 -6.08
N LYS B 448 18.81 35.72 -7.19
CA LYS B 448 19.72 34.87 -7.93
C LYS B 448 20.98 35.63 -8.36
N SER B 449 20.85 36.95 -8.56
CA SER B 449 22.03 37.78 -8.77
C SER B 449 22.66 38.18 -7.45
N LYS B 450 21.83 38.44 -6.42
CA LYS B 450 22.35 38.79 -5.11
C LYS B 450 23.08 37.62 -4.45
N THR B 451 22.68 36.39 -4.77
CA THR B 451 23.27 35.20 -4.20
C THR B 451 23.67 34.26 -5.32
N ALA B 452 24.95 33.89 -5.37
CA ALA B 452 25.47 33.06 -6.45
C ALA B 452 24.97 31.62 -6.36
N LYS B 453 25.42 30.89 -5.34
CA LYS B 453 25.09 29.48 -5.22
C LYS B 453 23.73 29.26 -4.55
N LEU B 454 23.10 28.12 -4.88
CA LEU B 454 21.75 27.84 -4.43
C LEU B 454 21.66 27.77 -2.92
N GLN B 455 22.64 27.13 -2.28
CA GLN B 455 22.59 27.02 -0.83
C GLN B 455 22.72 28.39 -0.16
N ASP B 456 23.41 29.33 -0.81
CA ASP B 456 23.39 30.71 -0.34
C ASP B 456 22.12 31.43 -0.77
N PHE B 457 21.54 31.02 -1.91
CA PHE B 457 20.22 31.51 -2.29
C PHE B 457 19.19 31.16 -1.23
N LYS B 458 19.02 29.86 -0.94
CA LYS B 458 18.01 29.41 0.00
C LYS B 458 18.18 30.05 1.38
N SER B 459 19.42 30.34 1.77
CA SER B 459 19.65 30.94 3.08
C SER B 459 19.24 32.40 3.14
N PHE B 460 19.16 33.08 1.99
CA PHE B 460 18.83 34.51 1.96
C PHE B 460 17.34 34.77 2.11
N LEU B 461 16.48 33.81 1.76
CA LEU B 461 15.04 34.02 1.86
C LEU B 461 14.53 34.06 3.30
N LEU B 462 15.38 33.81 4.29
CA LEU B 462 14.96 33.88 5.69
C LEU B 462 15.92 34.63 6.60
N LYS B 463 17.19 34.76 6.24
CA LYS B 463 18.13 35.55 7.04
C LYS B 463 18.04 37.05 6.77
N ASP B 464 17.39 37.45 5.68
CA ASP B 464 17.27 38.86 5.33
C ASP B 464 16.00 39.46 5.93
N SER B 465 16.09 40.73 6.32
CA SER B 465 14.93 41.42 6.86
C SER B 465 14.01 41.95 5.76
N GLU B 466 14.56 42.23 4.59
CA GLU B 466 13.75 42.75 3.48
C GLU B 466 13.11 41.62 2.68
N THR B 467 13.89 40.63 2.26
CA THR B 467 13.35 39.53 1.46
C THR B 467 12.31 38.74 2.23
N SER B 468 12.47 38.62 3.55
CA SER B 468 11.46 37.94 4.36
C SER B 468 10.15 38.71 4.33
N GLN B 469 10.22 40.04 4.52
CA GLN B 469 9.02 40.87 4.40
C GLN B 469 8.45 40.81 2.99
N ARG B 470 9.33 40.71 1.99
CA ARG B 470 8.86 40.58 0.61
C ARG B 470 8.03 39.31 0.42
N LEU B 471 8.42 38.23 1.09
CA LEU B 471 7.71 36.97 0.97
C LEU B 471 6.60 36.83 2.01
N ALA B 472 6.81 37.36 3.22
CA ALA B 472 5.78 37.29 4.24
C ALA B 472 4.53 38.07 3.83
N ASN B 473 4.69 39.15 3.07
CA ASN B 473 3.53 39.89 2.60
C ASN B 473 2.90 39.25 1.36
N LEU B 474 3.71 38.59 0.52
CA LEU B 474 3.15 37.95 -0.66
C LEU B 474 2.23 36.80 -0.28
N ARG B 475 2.62 35.97 0.70
CA ARG B 475 1.80 34.80 1.01
C ARG B 475 0.54 35.13 1.79
N GLN B 476 0.51 36.25 2.54
CA GLN B 476 -0.75 36.63 3.18
C GLN B 476 -1.80 36.97 2.14
N ARG B 477 -1.42 37.71 1.09
CA ARG B 477 -2.32 37.91 -0.04
C ARG B 477 -2.54 36.62 -0.81
N VAL B 478 -1.63 35.64 -0.65
CA VAL B 478 -1.77 34.35 -1.30
C VAL B 478 -2.67 33.43 -0.50
N GLU B 479 -2.50 33.41 0.83
CA GLU B 479 -3.34 32.58 1.68
C GLU B 479 -4.75 33.16 1.81
N GLN B 480 -4.86 34.49 1.85
CA GLN B 480 -6.18 35.11 1.88
C GLN B 480 -6.94 34.86 0.58
N PHE B 481 -6.23 34.77 -0.54
CA PHE B 481 -6.89 34.45 -1.81
C PHE B 481 -7.31 32.99 -1.86
N ALA B 482 -6.51 32.10 -1.25
CA ALA B 482 -6.79 30.67 -1.31
C ALA B 482 -7.91 30.27 -0.36
N ARG B 483 -7.96 30.89 0.83
CA ARG B 483 -8.89 30.47 1.87
C ARG B 483 -10.34 30.66 1.49
N ALA B 484 -10.65 31.43 0.44
CA ALA B 484 -12.04 31.67 0.08
C ALA B 484 -12.68 30.43 -0.53
N PHE B 485 -11.95 29.71 -1.38
CA PHE B 485 -12.52 28.56 -2.05
C PHE B 485 -12.66 27.39 -1.09
N PRO B 486 -13.78 26.66 -1.14
CA PRO B 486 -13.99 25.57 -0.17
C PRO B 486 -13.13 24.36 -0.48
N MET B 487 -12.84 23.59 0.57
CA MET B 487 -11.97 22.43 0.45
C MET B 487 -12.78 21.16 0.50
N PRO B 488 -12.70 20.29 -0.50
CA PRO B 488 -13.39 19.00 -0.42
C PRO B 488 -12.89 18.18 0.76
N GLY B 489 -13.77 17.34 1.29
CA GLY B 489 -13.45 16.54 2.45
C GLY B 489 -14.08 17.07 3.71
N PHE B 490 -13.44 16.81 4.86
CA PHE B 490 -13.95 17.28 6.13
C PHE B 490 -13.66 18.77 6.30
N ASP B 491 -14.07 19.32 7.43
CA ASP B 491 -13.81 20.72 7.77
C ASP B 491 -12.61 20.87 8.69
N GLU B 492 -12.53 20.08 9.76
CA GLU B 492 -11.43 20.20 10.71
C GLU B 492 -10.21 19.41 10.26
N HIS B 493 -10.39 18.30 9.57
CA HIS B 493 -9.28 17.45 9.17
C HIS B 493 -9.49 16.87 7.77
#